data_7CDC
#
_entry.id   7CDC
#
_cell.length_a   121.466
_cell.length_b   180.689
_cell.length_c   232.682
_cell.angle_alpha   90.00
_cell.angle_beta   90.00
_cell.angle_gamma   90.00
#
_symmetry.space_group_name_H-M   'I 2 2 2'
#
loop_
_entity.id
_entity.type
_entity.pdbx_description
1 polymer 'Lysine-specific histone demethylase 1A'
2 polymer 'REST corepressor 1'
3 polymer PRO-ARG-SER-PHE-LEU-VAL-ARG-ARG-PRO
4 non-polymer 'FLAVIN-ADENINE DINUCLEOTIDE'
5 non-polymer GLYCEROL
6 water water
#
loop_
_entity_poly.entity_id
_entity_poly.type
_entity_poly.pdbx_seq_one_letter_code
_entity_poly.pdbx_strand_id
1 'polypeptide(L)'
;GPLGSHMSGVEGAAFQSRLPHDRMTSQEAACFPDIISGPQQTQKVFLFIRNRTLQLWLDNPKIQLTFEATLQQLEAPYNS
DTVLVHRVHSYLERHGLINFGIYKRIKPLPTKKTGKVIIIGSGVSGLAAARQLQSFGMDVTLLEARDRVGGRVATFRKGN
YVADLGAMVVTGLGGNPMAVVSKQVNMELAKIKQKCPLYEANGQAVPKEKDEMVEQEFNRLLEATSYLSHQLDFNVLNNK
PVSLGQALEVVIQLQEKHVKDEQIEHWKKIVKTQEELKELLNKMVNLKEKIKELHQQYKEASEVKPPRDITAEFLVKSKH
RDLTALCKEYDELAETQGKLEEKLQELEANPPSDVYLSSRDRQILDWHFANLEFANATPLSTLSLKHWDQDDDFEFTGSH
LTVRNGYSCVPVALAEGLDIKLNTAVRQVRYTASGCEVIAVNTRSTSQTFIYKCDAVLCTLPLGVLKQQPPAVQFVPPLP
EWKTSAVQRMGFGNLNKVVLCFDRVFWDPSVNLFGHVGSTTASRGELFLFWNLYKAPILLALVAGEAAGIMENISDDVIV
GRCLAILKGIFGSSAVPQPKETVVSRWRADPWARGSYSYVAAGSSGNDYDLMAQPITPGPSIPGAPQPIPRLFFAGEHTI
RNYPATVHGALLSGLREAGRIADQFLGAM
;
A
2 'polypeptide(L)'
;GSSGSASRKPPKGMFLSQEDVEAVSANATAATTVLRQLDMELVSVKRQIQNIKQTNSALKEKLDGGIEPYRLPEVIQKCN
ARWTTEEQLLAVQAIRKYGRDFQAISDVIGNKSVVQVKNFFVNYRRRFNIDEVLQEWEAE
;
B
3 'polypeptide(L)' PRSFLVRRP C
#
# COMPACT_ATOMS: atom_id res chain seq x y z
N SER A 8 19.72 -4.62 -26.46
CA SER A 8 19.91 -5.12 -27.86
C SER A 8 18.90 -4.44 -28.80
N GLY A 9 18.84 -4.89 -30.07
CA GLY A 9 17.95 -4.34 -31.11
C GLY A 9 16.80 -5.27 -31.43
N VAL A 10 17.08 -6.55 -31.71
CA VAL A 10 16.07 -7.61 -31.97
C VAL A 10 15.34 -7.94 -30.66
N GLU A 11 16.06 -7.97 -29.54
CA GLU A 11 15.51 -8.30 -28.19
C GLU A 11 14.63 -7.14 -27.72
N GLY A 12 14.96 -5.91 -28.11
CA GLY A 12 14.19 -4.68 -27.78
C GLY A 12 12.83 -4.67 -28.46
N ALA A 13 12.72 -5.30 -29.64
CA ALA A 13 11.47 -5.42 -30.44
C ALA A 13 10.51 -6.39 -29.75
N ALA A 14 11.03 -7.52 -29.25
CA ALA A 14 10.29 -8.52 -28.44
C ALA A 14 9.70 -7.81 -27.21
N PHE A 15 10.49 -6.98 -26.54
CA PHE A 15 10.08 -6.22 -25.32
C PHE A 15 9.00 -5.20 -25.70
N GLN A 16 9.20 -4.46 -26.79
CA GLN A 16 8.27 -3.38 -27.25
C GLN A 16 6.96 -4.01 -27.75
N SER A 17 6.96 -5.32 -28.01
CA SER A 17 5.77 -6.11 -28.46
C SER A 17 5.25 -6.98 -27.31
N ARG A 18 5.73 -6.76 -26.08
CA ARG A 18 5.30 -7.46 -24.84
C ARG A 18 5.51 -8.97 -24.98
N LEU A 19 6.62 -9.37 -25.63
CA LEU A 19 6.99 -10.79 -25.90
C LEU A 19 8.32 -11.10 -25.24
N PRO A 20 8.50 -12.32 -24.69
CA PRO A 20 9.82 -12.76 -24.22
C PRO A 20 10.70 -13.07 -25.45
N HIS A 21 11.87 -12.42 -25.55
CA HIS A 21 12.76 -12.46 -26.74
C HIS A 21 13.35 -13.86 -26.95
N ASP A 22 13.49 -14.66 -25.88
CA ASP A 22 14.30 -15.91 -25.88
C ASP A 22 13.40 -17.14 -25.62
N ARG A 23 12.08 -17.02 -25.80
CA ARG A 23 11.12 -18.10 -25.51
C ARG A 23 9.86 -17.92 -26.37
N MET A 24 9.20 -19.03 -26.71
CA MET A 24 7.93 -19.03 -27.50
C MET A 24 6.75 -18.94 -26.53
N THR A 25 5.77 -18.09 -26.86
CA THR A 25 4.54 -17.82 -26.05
C THR A 25 3.53 -18.94 -26.26
N SER A 26 2.42 -18.91 -25.51
CA SER A 26 1.29 -19.85 -25.63
C SER A 26 0.64 -19.73 -27.02
N GLN A 27 0.39 -18.50 -27.48
CA GLN A 27 -0.21 -18.20 -28.81
C GLN A 27 0.66 -18.84 -29.91
N GLU A 28 1.98 -18.69 -29.81
CA GLU A 28 2.96 -19.17 -30.81
C GLU A 28 2.95 -20.71 -30.82
N ALA A 29 2.94 -21.34 -29.64
CA ALA A 29 2.88 -22.81 -29.47
C ALA A 29 1.67 -23.37 -30.23
N ALA A 30 0.54 -22.65 -30.23
CA ALA A 30 -0.74 -23.07 -30.84
C ALA A 30 -0.63 -23.00 -32.37
N CYS A 31 -0.03 -21.94 -32.91
CA CYS A 31 0.11 -21.68 -34.37
C CYS A 31 1.35 -22.39 -34.94
N PHE A 32 2.31 -22.77 -34.10
CA PHE A 32 3.60 -23.41 -34.49
C PHE A 32 3.89 -24.60 -33.58
N PRO A 33 2.98 -25.58 -33.46
CA PRO A 33 3.19 -26.74 -32.61
C PRO A 33 4.42 -27.57 -33.04
N ASP A 34 4.57 -27.78 -34.35
CA ASP A 34 5.69 -28.53 -34.98
C ASP A 34 7.04 -27.99 -34.46
N ILE A 35 7.17 -26.66 -34.36
CA ILE A 35 8.45 -25.97 -33.98
C ILE A 35 8.71 -26.13 -32.48
N ILE A 36 7.77 -25.71 -31.62
CA ILE A 36 7.95 -25.70 -30.13
C ILE A 36 8.08 -27.13 -29.59
N SER A 37 7.47 -28.11 -30.26
CA SER A 37 7.52 -29.55 -29.86
C SER A 37 8.80 -30.21 -30.37
N GLY A 38 9.50 -29.55 -31.30
CA GLY A 38 10.71 -30.06 -31.98
C GLY A 38 11.99 -29.56 -31.33
N PRO A 39 13.14 -29.60 -32.06
CA PRO A 39 14.45 -29.34 -31.46
C PRO A 39 14.80 -27.85 -31.30
N GLN A 40 15.70 -27.56 -30.35
CA GLN A 40 16.06 -26.20 -29.86
C GLN A 40 16.48 -25.28 -31.01
N GLN A 41 17.22 -25.81 -31.99
CA GLN A 41 17.84 -25.00 -33.09
C GLN A 41 16.75 -24.26 -33.85
N THR A 42 15.71 -24.96 -34.29
CA THR A 42 14.58 -24.42 -35.10
C THR A 42 13.86 -23.30 -34.32
N GLN A 43 13.76 -23.45 -32.99
CA GLN A 43 13.07 -22.48 -32.10
C GLN A 43 13.81 -21.13 -32.11
N LYS A 44 15.14 -21.15 -32.01
CA LYS A 44 15.99 -19.93 -32.05
C LYS A 44 15.88 -19.27 -33.43
N VAL A 45 15.69 -20.06 -34.48
CA VAL A 45 15.45 -19.58 -35.88
C VAL A 45 14.09 -18.88 -35.89
N PHE A 46 13.05 -19.58 -35.41
CA PHE A 46 11.68 -19.02 -35.26
C PHE A 46 11.76 -17.69 -34.49
N LEU A 47 12.37 -17.74 -33.31
CA LEU A 47 12.44 -16.60 -32.35
C LEU A 47 13.19 -15.42 -32.99
N PHE A 48 14.23 -15.68 -33.79
CA PHE A 48 14.98 -14.61 -34.49
C PHE A 48 14.14 -14.02 -35.63
N ILE A 49 13.52 -14.88 -36.44
CA ILE A 49 12.65 -14.44 -37.58
C ILE A 49 11.56 -13.53 -37.01
N ARG A 50 10.88 -14.00 -35.96
CA ARG A 50 9.81 -13.26 -35.23
C ARG A 50 10.37 -11.91 -34.78
N ASN A 51 11.41 -11.93 -33.94
CA ASN A 51 12.01 -10.73 -33.30
C ASN A 51 12.45 -9.72 -34.37
N ARG A 52 13.01 -10.21 -35.48
CA ARG A 52 13.56 -9.37 -36.58
C ARG A 52 12.40 -8.71 -37.35
N THR A 53 11.38 -9.48 -37.72
CA THR A 53 10.16 -8.99 -38.41
C THR A 53 9.54 -7.85 -37.59
N LEU A 54 9.47 -8.03 -36.27
CA LEU A 54 8.94 -7.03 -35.31
C LEU A 54 9.81 -5.77 -35.36
N GLN A 55 11.14 -5.93 -35.25
CA GLN A 55 12.13 -4.82 -35.32
C GLN A 55 11.85 -3.99 -36.58
N LEU A 56 11.72 -4.66 -37.74
CA LEU A 56 11.51 -4.00 -39.05
C LEU A 56 10.24 -3.15 -39.01
N TRP A 57 9.12 -3.74 -38.58
CA TRP A 57 7.80 -3.05 -38.44
C TRP A 57 7.95 -1.84 -37.50
N LEU A 58 8.59 -2.04 -36.34
CA LEU A 58 8.68 -1.03 -35.25
C LEU A 58 9.55 0.15 -35.69
N ASP A 59 10.59 -0.12 -36.49
CA ASP A 59 11.56 0.90 -37.01
C ASP A 59 10.84 1.86 -37.97
N ASN A 60 9.83 1.38 -38.70
CA ASN A 60 9.00 2.21 -39.62
C ASN A 60 7.56 1.70 -39.62
N PRO A 61 6.74 2.13 -38.63
CA PRO A 61 5.35 1.66 -38.54
C PRO A 61 4.36 2.50 -39.36
N LYS A 62 4.87 3.42 -40.20
CA LYS A 62 4.06 4.34 -41.02
C LYS A 62 3.77 3.74 -42.41
N ILE A 63 4.39 2.59 -42.73
CA ILE A 63 4.18 1.86 -44.01
C ILE A 63 4.08 0.36 -43.74
N GLN A 64 3.18 -0.32 -44.45
CA GLN A 64 2.95 -1.79 -44.39
C GLN A 64 4.27 -2.53 -44.56
N LEU A 65 4.59 -3.44 -43.64
CA LEU A 65 5.70 -4.42 -43.80
C LEU A 65 5.14 -5.69 -44.45
N THR A 66 5.39 -5.87 -45.75
CA THR A 66 4.94 -7.04 -46.54
C THR A 66 5.85 -8.23 -46.24
N PHE A 67 5.42 -9.44 -46.60
CA PHE A 67 6.20 -10.69 -46.48
C PHE A 67 7.47 -10.60 -47.34
N GLU A 68 7.34 -10.03 -48.53
CA GLU A 68 8.44 -9.89 -49.52
C GLU A 68 9.53 -9.00 -48.92
N ALA A 69 9.14 -7.82 -48.42
CA ALA A 69 10.04 -6.83 -47.77
C ALA A 69 10.76 -7.48 -46.58
N THR A 70 10.06 -8.35 -45.84
CA THR A 70 10.58 -9.07 -44.64
C THR A 70 11.72 -10.01 -45.06
N LEU A 71 11.46 -10.84 -46.08
CA LEU A 71 12.39 -11.89 -46.58
C LEU A 71 13.64 -11.22 -47.18
N GLN A 72 13.47 -10.10 -47.89
CA GLN A 72 14.57 -9.31 -48.50
C GLN A 72 15.57 -8.88 -47.42
N GLN A 73 15.11 -8.35 -46.29
CA GLN A 73 15.95 -7.77 -45.22
C GLN A 73 16.41 -8.87 -44.25
N LEU A 74 15.88 -10.08 -44.37
CA LEU A 74 16.37 -11.28 -43.63
C LEU A 74 17.63 -11.82 -44.34
N GLU A 75 18.64 -12.22 -43.57
CA GLU A 75 19.91 -12.81 -44.08
C GLU A 75 20.02 -14.27 -43.62
N ALA A 76 20.70 -15.11 -44.40
CA ALA A 76 20.92 -16.56 -44.14
C ALA A 76 21.64 -16.72 -42.81
N PRO A 77 21.47 -17.86 -42.08
CA PRO A 77 20.64 -18.97 -42.53
C PRO A 77 19.14 -18.86 -42.19
N TYR A 78 18.65 -17.64 -41.93
CA TYR A 78 17.27 -17.35 -41.46
C TYR A 78 16.33 -17.15 -42.66
N ASN A 79 16.85 -16.63 -43.78
CA ASN A 79 16.08 -16.45 -45.04
C ASN A 79 16.08 -17.75 -45.86
N SER A 80 16.71 -18.80 -45.34
CA SER A 80 16.74 -20.18 -45.90
C SER A 80 15.31 -20.65 -46.18
N ASP A 81 14.53 -20.90 -45.12
CA ASP A 81 13.15 -21.44 -45.19
C ASP A 81 12.18 -20.28 -45.47
N THR A 82 11.55 -20.27 -46.65
CA THR A 82 10.63 -19.19 -47.11
C THR A 82 9.24 -19.40 -46.51
N VAL A 83 8.80 -20.65 -46.34
CA VAL A 83 7.45 -20.98 -45.77
C VAL A 83 7.45 -20.62 -44.27
N LEU A 84 8.52 -20.96 -43.53
CA LEU A 84 8.66 -20.61 -42.10
C LEU A 84 8.55 -19.09 -41.93
N VAL A 85 9.30 -18.32 -42.73
CA VAL A 85 9.27 -16.83 -42.72
C VAL A 85 7.85 -16.36 -43.04
N HIS A 86 7.15 -17.02 -43.97
CA HIS A 86 5.78 -16.66 -44.41
C HIS A 86 4.77 -16.96 -43.30
N ARG A 87 4.91 -18.11 -42.62
CA ARG A 87 4.06 -18.52 -41.47
C ARG A 87 4.20 -17.49 -40.35
N VAL A 88 5.45 -17.17 -39.97
CA VAL A 88 5.78 -16.18 -38.91
C VAL A 88 5.17 -14.82 -39.28
N HIS A 89 5.40 -14.34 -40.49
CA HIS A 89 4.90 -13.00 -40.95
C HIS A 89 3.37 -12.98 -40.87
N SER A 90 2.71 -14.04 -41.33
CA SER A 90 1.23 -14.17 -41.39
C SER A 90 0.65 -14.10 -39.97
N TYR A 91 1.21 -14.90 -39.05
CA TYR A 91 0.86 -14.94 -37.61
C TYR A 91 0.93 -13.54 -37.02
N LEU A 92 2.03 -12.82 -37.22
CA LEU A 92 2.26 -11.47 -36.65
C LEU A 92 1.21 -10.49 -37.21
N GLU A 93 0.93 -10.56 -38.50
CA GLU A 93 -0.03 -9.66 -39.21
C GLU A 93 -1.44 -9.91 -38.66
N ARG A 94 -1.81 -11.18 -38.50
CA ARG A 94 -3.17 -11.65 -38.11
C ARG A 94 -3.47 -11.19 -36.67
N HIS A 95 -2.50 -11.42 -35.76
CA HIS A 95 -2.62 -11.09 -34.32
C HIS A 95 -2.32 -9.61 -34.05
N GLY A 96 -1.98 -8.84 -35.09
CA GLY A 96 -1.88 -7.37 -35.02
C GLY A 96 -0.64 -6.89 -34.31
N LEU A 97 0.43 -7.70 -34.32
CA LEU A 97 1.75 -7.33 -33.74
C LEU A 97 2.55 -6.50 -34.77
N ILE A 98 2.28 -6.70 -36.06
CA ILE A 98 2.76 -5.84 -37.19
C ILE A 98 1.55 -5.40 -38.01
N ASN A 99 1.68 -4.31 -38.76
CA ASN A 99 0.65 -3.78 -39.69
C ASN A 99 -0.65 -3.59 -38.91
N PHE A 100 -0.56 -2.92 -37.77
CA PHE A 100 -1.70 -2.43 -36.95
C PHE A 100 -1.65 -0.90 -36.91
N GLY A 101 -2.79 -0.26 -36.65
CA GLY A 101 -2.91 1.20 -36.52
C GLY A 101 -3.16 1.86 -37.86
N ILE A 102 -2.39 2.90 -38.18
CA ILE A 102 -2.55 3.76 -39.39
C ILE A 102 -1.23 3.78 -40.17
N TYR A 103 -1.15 2.97 -41.23
CA TYR A 103 0.05 2.80 -42.09
C TYR A 103 -0.36 2.97 -43.56
N LYS A 104 0.53 3.52 -44.38
CA LYS A 104 0.38 3.56 -45.86
C LYS A 104 0.41 2.10 -46.35
N ARG A 105 -0.65 1.66 -47.02
CA ARG A 105 -0.79 0.29 -47.56
C ARG A 105 -0.02 0.21 -48.87
N ILE A 106 0.79 -0.84 -49.07
CA ILE A 106 1.57 -1.06 -50.31
C ILE A 106 0.63 -1.62 -51.40
N LYS A 107 0.07 -2.82 -51.18
CA LYS A 107 -0.88 -3.49 -52.11
C LYS A 107 -2.30 -3.06 -51.74
N PRO A 108 -3.01 -2.26 -52.58
CA PRO A 108 -4.35 -1.78 -52.24
C PRO A 108 -5.33 -2.92 -51.90
N LEU A 109 -6.25 -2.68 -50.97
CA LEU A 109 -7.18 -3.71 -50.41
C LEU A 109 -8.10 -4.20 -51.54
N PRO A 110 -8.29 -5.53 -51.70
CA PRO A 110 -9.14 -6.06 -52.77
C PRO A 110 -10.59 -5.62 -52.62
N THR A 111 -11.23 -5.24 -53.73
CA THR A 111 -12.64 -4.80 -53.82
C THR A 111 -13.56 -5.92 -53.33
N LYS A 112 -13.19 -7.18 -53.57
CA LYS A 112 -13.95 -8.39 -53.15
C LYS A 112 -13.79 -8.59 -51.64
N LYS A 113 -14.89 -8.48 -50.88
CA LYS A 113 -14.92 -8.58 -49.40
C LYS A 113 -15.55 -9.91 -48.98
N THR A 114 -14.84 -10.65 -48.12
CA THR A 114 -15.29 -11.94 -47.53
C THR A 114 -15.86 -11.68 -46.13
N GLY A 115 -17.11 -12.08 -45.89
CA GLY A 115 -17.76 -12.02 -44.56
C GLY A 115 -18.23 -10.62 -44.20
N LYS A 116 -19.20 -10.52 -43.28
CA LYS A 116 -19.80 -9.25 -42.81
C LYS A 116 -19.82 -9.23 -41.27
N VAL A 117 -19.22 -8.21 -40.65
CA VAL A 117 -19.14 -8.03 -39.17
C VAL A 117 -19.79 -6.70 -38.78
N ILE A 118 -20.66 -6.72 -37.78
CA ILE A 118 -21.15 -5.49 -37.08
C ILE A 118 -20.35 -5.35 -35.78
N ILE A 119 -19.77 -4.16 -35.56
CA ILE A 119 -19.02 -3.81 -34.33
C ILE A 119 -19.86 -2.80 -33.54
N ILE A 120 -20.25 -3.16 -32.32
CA ILE A 120 -21.05 -2.28 -31.42
C ILE A 120 -20.06 -1.41 -30.65
N GLY A 121 -20.13 -0.08 -30.86
CA GLY A 121 -19.24 0.93 -30.23
C GLY A 121 -18.06 1.27 -31.13
N SER A 122 -17.77 2.57 -31.31
CA SER A 122 -16.60 3.10 -32.06
C SER A 122 -15.62 3.77 -31.08
N GLY A 123 -15.47 3.21 -29.88
CA GLY A 123 -14.33 3.48 -28.99
C GLY A 123 -13.06 2.85 -29.54
N VAL A 124 -11.94 2.98 -28.83
CA VAL A 124 -10.60 2.52 -29.31
C VAL A 124 -10.66 1.01 -29.59
N SER A 125 -11.27 0.22 -28.70
CA SER A 125 -11.38 -1.26 -28.88
C SER A 125 -12.11 -1.55 -30.20
N GLY A 126 -13.28 -0.93 -30.41
CA GLY A 126 -14.10 -1.05 -31.63
C GLY A 126 -13.32 -0.64 -32.87
N LEU A 127 -12.68 0.53 -32.85
CA LEU A 127 -11.95 1.12 -34.00
C LEU A 127 -10.75 0.25 -34.35
N ALA A 128 -9.97 -0.15 -33.36
CA ALA A 128 -8.77 -1.01 -33.53
C ALA A 128 -9.17 -2.29 -34.29
N ALA A 129 -10.24 -2.97 -33.83
CA ALA A 129 -10.76 -4.22 -34.42
C ALA A 129 -11.19 -3.99 -35.87
N ALA A 130 -12.00 -2.95 -36.10
CA ALA A 130 -12.55 -2.57 -37.43
C ALA A 130 -11.41 -2.44 -38.44
N ARG A 131 -10.39 -1.63 -38.15
CA ARG A 131 -9.22 -1.40 -39.04
C ARG A 131 -8.60 -2.75 -39.42
N GLN A 132 -8.38 -3.63 -38.44
CA GLN A 132 -7.75 -4.95 -38.65
C GLN A 132 -8.62 -5.80 -39.59
N LEU A 133 -9.94 -5.83 -39.36
CA LEU A 133 -10.89 -6.69 -40.11
C LEU A 133 -10.97 -6.21 -41.56
N GLN A 134 -11.19 -4.91 -41.78
CA GLN A 134 -11.16 -4.24 -43.11
C GLN A 134 -9.83 -4.59 -43.81
N SER A 135 -8.72 -4.42 -43.10
CA SER A 135 -7.34 -4.76 -43.55
C SER A 135 -7.25 -6.23 -44.01
N PHE A 136 -8.02 -7.14 -43.39
CA PHE A 136 -8.06 -8.59 -43.72
C PHE A 136 -9.09 -8.88 -44.82
N GLY A 137 -9.81 -7.85 -45.29
CA GLY A 137 -10.74 -7.93 -46.43
C GLY A 137 -12.13 -8.36 -46.02
N MET A 138 -12.57 -8.05 -44.79
CA MET A 138 -13.96 -8.29 -44.33
C MET A 138 -14.75 -6.99 -44.51
N ASP A 139 -16.08 -7.11 -44.65
CA ASP A 139 -17.02 -5.96 -44.68
C ASP A 139 -17.35 -5.60 -43.23
N VAL A 140 -16.98 -4.40 -42.79
CA VAL A 140 -17.12 -3.93 -41.38
C VAL A 140 -18.04 -2.72 -41.33
N THR A 141 -18.93 -2.67 -40.34
CA THR A 141 -19.77 -1.49 -40.00
C THR A 141 -19.81 -1.34 -38.48
N LEU A 142 -19.45 -0.17 -37.97
CA LEU A 142 -19.51 0.16 -36.53
C LEU A 142 -20.83 0.88 -36.25
N LEU A 143 -21.54 0.49 -35.20
CA LEU A 143 -22.74 1.18 -34.68
C LEU A 143 -22.37 1.90 -33.38
N GLU A 144 -22.47 3.23 -33.38
CA GLU A 144 -22.07 4.12 -32.26
C GLU A 144 -23.29 4.93 -31.82
N ALA A 145 -23.66 4.87 -30.54
CA ALA A 145 -24.80 5.61 -29.96
C ALA A 145 -24.52 7.11 -29.96
N ARG A 146 -23.28 7.51 -29.66
CA ARG A 146 -22.87 8.93 -29.55
C ARG A 146 -22.84 9.60 -30.93
N ASP A 147 -22.75 10.93 -30.94
CA ASP A 147 -22.59 11.77 -32.16
C ASP A 147 -21.10 11.91 -32.52
N ARG A 148 -20.23 11.07 -31.94
CA ARG A 148 -18.76 11.12 -32.15
C ARG A 148 -18.13 9.75 -31.87
N VAL A 149 -16.92 9.54 -32.39
CA VAL A 149 -16.07 8.36 -32.09
C VAL A 149 -15.26 8.63 -30.81
N GLY A 150 -14.55 7.62 -30.31
CA GLY A 150 -13.61 7.74 -29.18
C GLY A 150 -14.15 7.13 -27.90
N GLY A 151 -15.45 7.26 -27.65
CA GLY A 151 -16.10 6.75 -26.43
C GLY A 151 -15.55 7.41 -25.18
N ARG A 152 -14.85 6.64 -24.34
CA ARG A 152 -14.29 7.11 -23.04
C ARG A 152 -12.98 7.86 -23.29
N VAL A 153 -12.51 7.94 -24.54
CA VAL A 153 -11.56 8.98 -25.01
C VAL A 153 -12.37 10.16 -25.52
N ALA A 154 -12.54 11.18 -24.67
CA ALA A 154 -13.41 12.36 -24.87
C ALA A 154 -12.62 13.63 -24.55
N THR A 155 -12.31 14.42 -25.59
CA THR A 155 -11.52 15.67 -25.51
C THR A 155 -12.46 16.87 -25.62
N PHE A 156 -12.40 17.79 -24.65
CA PHE A 156 -13.11 19.09 -24.68
C PHE A 156 -12.33 20.07 -25.57
N ARG A 157 -13.04 20.83 -26.41
CA ARG A 157 -12.43 21.82 -27.34
C ARG A 157 -13.36 23.04 -27.47
N LYS A 158 -12.87 24.20 -27.01
CA LYS A 158 -13.44 25.54 -27.31
C LYS A 158 -12.26 26.49 -27.55
N GLY A 159 -12.17 27.07 -28.76
CA GLY A 159 -11.04 27.90 -29.20
C GLY A 159 -9.72 27.17 -29.04
N ASN A 160 -8.79 27.72 -28.27
CA ASN A 160 -7.43 27.17 -28.04
C ASN A 160 -7.42 26.27 -26.81
N TYR A 161 -8.50 26.26 -26.03
CA TYR A 161 -8.68 25.37 -24.85
C TYR A 161 -8.84 23.93 -25.33
N VAL A 162 -8.07 23.01 -24.73
CA VAL A 162 -8.04 21.55 -25.04
C VAL A 162 -7.83 20.79 -23.72
N ALA A 163 -8.78 19.95 -23.33
CA ALA A 163 -8.76 19.20 -22.05
C ALA A 163 -9.52 17.87 -22.18
N ASP A 164 -8.87 16.75 -21.82
CA ASP A 164 -9.45 15.38 -21.86
C ASP A 164 -10.33 15.16 -20.63
N LEU A 165 -11.59 14.77 -20.84
CA LEU A 165 -12.55 14.41 -19.76
C LEU A 165 -12.48 12.91 -19.48
N GLY A 166 -11.87 12.14 -20.39
CA GLY A 166 -11.63 10.69 -20.22
C GLY A 166 -10.15 10.39 -20.12
N ALA A 167 -9.68 9.37 -20.84
CA ALA A 167 -8.24 9.00 -20.95
C ALA A 167 -7.42 10.27 -21.20
N MET A 168 -6.30 10.40 -20.47
CA MET A 168 -5.47 11.63 -20.41
C MET A 168 -3.98 11.27 -20.48
N VAL A 169 -3.60 10.12 -19.93
CA VAL A 169 -2.19 9.75 -19.63
C VAL A 169 -1.82 8.48 -20.41
N VAL A 170 -0.68 8.51 -21.11
CA VAL A 170 0.02 7.31 -21.63
C VAL A 170 0.94 6.82 -20.51
N THR A 171 0.68 5.62 -19.98
CA THR A 171 1.35 5.09 -18.76
C THR A 171 2.69 4.45 -19.15
N GLY A 172 3.54 5.20 -19.85
CA GLY A 172 4.89 4.76 -20.29
C GLY A 172 4.86 4.15 -21.68
N LEU A 173 5.94 4.33 -22.45
CA LEU A 173 6.04 3.88 -23.86
C LEU A 173 6.73 2.51 -23.96
N GLY A 174 7.36 2.05 -22.89
CA GLY A 174 8.14 0.79 -22.87
C GLY A 174 7.25 -0.44 -22.92
N GLY A 175 7.01 -0.96 -24.12
CA GLY A 175 6.13 -2.13 -24.36
C GLY A 175 4.70 -1.71 -24.66
N ASN A 176 4.46 -0.41 -24.82
CA ASN A 176 3.12 0.20 -25.01
C ASN A 176 2.84 0.27 -26.51
N PRO A 177 1.71 -0.30 -27.01
CA PRO A 177 1.36 -0.20 -28.41
C PRO A 177 1.02 1.25 -28.84
N MET A 178 0.76 2.14 -27.88
CA MET A 178 0.50 3.58 -28.17
C MET A 178 1.79 4.29 -28.59
N ALA A 179 2.96 3.69 -28.33
CA ALA A 179 4.27 4.14 -28.84
C ALA A 179 4.23 4.11 -30.38
N VAL A 180 3.82 2.97 -30.95
CA VAL A 180 3.63 2.77 -32.41
C VAL A 180 2.60 3.77 -32.93
N VAL A 181 1.48 3.92 -32.22
CA VAL A 181 0.34 4.79 -32.66
C VAL A 181 0.81 6.25 -32.69
N SER A 182 1.66 6.65 -31.75
CA SER A 182 2.14 8.05 -31.57
C SER A 182 3.09 8.46 -32.71
N LYS A 183 3.78 7.51 -33.32
CA LYS A 183 4.62 7.75 -34.54
C LYS A 183 3.70 7.87 -35.76
N GLN A 184 2.63 7.09 -35.81
CA GLN A 184 1.66 7.01 -36.95
C GLN A 184 0.78 8.26 -36.97
N VAL A 185 0.34 8.72 -35.79
CA VAL A 185 -0.51 9.93 -35.61
C VAL A 185 0.34 11.00 -34.91
N ASN A 186 0.16 12.27 -35.28
CA ASN A 186 0.79 13.42 -34.57
C ASN A 186 0.04 13.63 -33.25
N MET A 187 0.51 12.97 -32.18
CA MET A 187 0.17 13.29 -30.77
C MET A 187 1.36 14.06 -30.19
N GLU A 188 1.12 15.21 -29.57
CA GLU A 188 2.14 15.96 -28.80
C GLU A 188 2.25 15.32 -27.42
N LEU A 189 3.16 14.35 -27.26
CA LEU A 189 3.41 13.64 -25.99
C LEU A 189 4.38 14.45 -25.12
N ALA A 190 3.93 14.85 -23.93
CA ALA A 190 4.66 15.69 -22.95
C ALA A 190 4.79 14.95 -21.63
N LYS A 191 6.04 14.68 -21.20
CA LYS A 191 6.38 14.04 -19.90
C LYS A 191 5.64 14.77 -18.77
N ILE A 192 5.11 14.01 -17.81
CA ILE A 192 4.52 14.52 -16.54
C ILE A 192 5.64 14.58 -15.49
N LYS A 193 5.87 15.75 -14.90
CA LYS A 193 6.84 15.95 -13.79
C LYS A 193 6.17 15.49 -12.49
N GLN A 194 6.76 14.50 -11.82
CA GLN A 194 6.15 13.71 -10.71
C GLN A 194 6.00 14.56 -9.44
N LYS A 195 6.67 15.71 -9.36
CA LYS A 195 6.62 16.63 -8.18
C LYS A 195 5.17 17.06 -7.95
N CYS A 196 4.65 16.82 -6.73
CA CYS A 196 3.23 17.03 -6.34
C CYS A 196 3.14 17.56 -4.91
N PRO A 197 3.19 18.89 -4.71
CA PRO A 197 2.98 19.45 -3.36
C PRO A 197 1.51 19.33 -2.91
N LEU A 198 1.29 18.89 -1.67
CA LEU A 198 -0.05 18.84 -1.01
C LEU A 198 -0.32 20.19 -0.33
N TYR A 199 -1.61 20.50 -0.11
CA TYR A 199 -2.09 21.75 0.55
C TYR A 199 -3.32 21.40 1.41
N GLU A 200 -3.18 21.51 2.73
CA GLU A 200 -4.22 21.09 3.72
C GLU A 200 -5.46 21.98 3.58
N ALA A 201 -6.53 21.63 4.30
CA ALA A 201 -7.88 22.26 4.22
C ALA A 201 -7.78 23.79 4.14
N ASN A 202 -6.82 24.39 4.86
CA ASN A 202 -6.69 25.87 5.03
C ASN A 202 -6.01 26.50 3.79
N GLY A 203 -4.99 25.85 3.24
CA GLY A 203 -4.16 26.38 2.13
C GLY A 203 -2.67 26.24 2.38
N GLN A 204 -2.25 25.74 3.55
CA GLN A 204 -0.83 25.60 3.95
C GLN A 204 -0.25 24.31 3.35
N ALA A 205 0.84 24.42 2.59
CA ALA A 205 1.66 23.28 2.12
C ALA A 205 2.02 22.40 3.33
N VAL A 206 2.02 21.08 3.14
CA VAL A 206 2.45 20.11 4.20
C VAL A 206 3.96 20.25 4.38
N PRO A 207 4.47 20.34 5.63
CA PRO A 207 5.91 20.40 5.86
C PRO A 207 6.64 19.16 5.32
N LYS A 208 7.70 19.39 4.52
CA LYS A 208 8.48 18.35 3.80
C LYS A 208 8.71 17.12 4.69
N GLU A 209 9.16 17.33 5.94
CA GLU A 209 9.52 16.25 6.89
C GLU A 209 8.30 15.37 7.16
N LYS A 210 7.13 15.99 7.39
CA LYS A 210 5.84 15.30 7.66
C LYS A 210 5.33 14.61 6.39
N ASP A 211 5.31 15.35 5.28
CA ASP A 211 4.85 14.87 3.95
C ASP A 211 5.51 13.52 3.64
N GLU A 212 6.84 13.46 3.71
CA GLU A 212 7.66 12.25 3.45
C GLU A 212 7.25 11.13 4.41
N MET A 213 6.93 11.47 5.66
CA MET A 213 6.61 10.50 6.76
C MET A 213 5.26 9.82 6.44
N VAL A 214 4.24 10.60 6.06
CA VAL A 214 2.87 10.08 5.78
C VAL A 214 2.91 9.22 4.51
N GLU A 215 3.52 9.74 3.44
CA GLU A 215 3.71 9.01 2.16
C GLU A 215 4.38 7.67 2.44
N GLN A 216 5.47 7.67 3.21
CA GLN A 216 6.25 6.45 3.57
C GLN A 216 5.33 5.49 4.33
N GLU A 217 4.45 6.02 5.21
CA GLU A 217 3.52 5.20 6.04
C GLU A 217 2.46 4.57 5.12
N PHE A 218 1.91 5.34 4.18
CA PHE A 218 0.94 4.88 3.16
C PHE A 218 1.49 3.65 2.43
N ASN A 219 2.72 3.75 1.93
CA ASN A 219 3.41 2.68 1.16
C ASN A 219 3.63 1.47 2.07
N ARG A 220 3.99 1.70 3.34
CA ARG A 220 4.19 0.62 4.36
C ARG A 220 2.84 -0.06 4.65
N LEU A 221 1.77 0.74 4.75
CA LEU A 221 0.38 0.25 4.99
C LEU A 221 -0.07 -0.65 3.82
N LEU A 222 0.18 -0.23 2.57
CA LEU A 222 -0.16 -1.04 1.37
C LEU A 222 0.61 -2.35 1.41
N GLU A 223 1.95 -2.26 1.51
CA GLU A 223 2.88 -3.42 1.58
C GLU A 223 2.37 -4.43 2.64
N ALA A 224 1.79 -3.93 3.73
CA ALA A 224 1.25 -4.73 4.86
C ALA A 224 0.01 -5.52 4.42
N THR A 225 -0.92 -4.88 3.71
CA THR A 225 -2.16 -5.53 3.18
C THR A 225 -1.75 -6.70 2.28
N SER A 226 -0.68 -6.54 1.49
CA SER A 226 -0.12 -7.60 0.61
C SER A 226 0.41 -8.75 1.47
N TYR A 227 1.19 -8.44 2.51
CA TYR A 227 1.69 -9.44 3.49
C TYR A 227 0.51 -10.13 4.15
N LEU A 228 -0.43 -9.33 4.66
CA LEU A 228 -1.69 -9.79 5.31
C LEU A 228 -2.43 -10.76 4.37
N SER A 229 -2.40 -10.49 3.06
CA SER A 229 -3.11 -11.29 2.01
C SER A 229 -2.36 -12.58 1.69
N HIS A 230 -1.09 -12.47 1.26
CA HIS A 230 -0.31 -13.57 0.64
C HIS A 230 0.28 -14.50 1.71
N GLN A 231 0.73 -13.94 2.84
CA GLN A 231 1.48 -14.70 3.89
C GLN A 231 0.52 -15.21 4.96
N LEU A 232 -0.39 -14.36 5.47
CA LEU A 232 -1.34 -14.72 6.56
C LEU A 232 -2.64 -15.28 5.98
N ASP A 233 -2.86 -15.16 4.67
CA ASP A 233 -4.01 -15.75 3.94
C ASP A 233 -5.32 -15.19 4.51
N PHE A 234 -5.37 -13.88 4.78
CA PHE A 234 -6.53 -13.15 5.35
C PHE A 234 -7.38 -12.61 4.19
N ASN A 235 -8.08 -13.50 3.49
CA ASN A 235 -8.78 -13.21 2.20
C ASN A 235 -10.28 -13.49 2.30
N VAL A 236 -10.74 -14.18 3.35
CA VAL A 236 -12.20 -14.37 3.63
C VAL A 236 -12.45 -13.99 5.11
N LEU A 237 -13.58 -13.32 5.37
CA LEU A 237 -14.01 -12.89 6.73
C LEU A 237 -15.54 -12.84 6.78
N ASN A 238 -16.17 -13.83 7.42
CA ASN A 238 -17.64 -14.00 7.57
C ASN A 238 -18.26 -14.50 6.26
N ASN A 239 -17.55 -15.40 5.56
CA ASN A 239 -17.95 -15.95 4.23
C ASN A 239 -18.10 -14.81 3.23
N LYS A 240 -17.27 -13.77 3.35
CA LYS A 240 -17.25 -12.59 2.42
C LYS A 240 -15.81 -12.29 2.04
N PRO A 241 -15.51 -12.00 0.76
CA PRO A 241 -14.15 -11.67 0.35
C PRO A 241 -13.70 -10.35 1.02
N VAL A 242 -12.48 -10.33 1.55
CA VAL A 242 -11.89 -9.16 2.24
C VAL A 242 -11.56 -8.10 1.18
N SER A 243 -12.00 -6.87 1.40
CA SER A 243 -11.67 -5.70 0.55
C SER A 243 -10.29 -5.15 0.96
N LEU A 244 -9.68 -4.33 0.10
CA LEU A 244 -8.43 -3.60 0.43
C LEU A 244 -8.70 -2.62 1.56
N GLY A 245 -9.85 -1.93 1.53
CA GLY A 245 -10.33 -1.02 2.59
C GLY A 245 -10.35 -1.69 3.94
N GLN A 246 -11.03 -2.85 4.05
CA GLN A 246 -11.09 -3.69 5.28
C GLN A 246 -9.67 -3.95 5.79
N ALA A 247 -8.78 -4.41 4.91
CA ALA A 247 -7.39 -4.82 5.23
C ALA A 247 -6.61 -3.62 5.80
N LEU A 248 -6.80 -2.43 5.24
CA LEU A 248 -6.12 -1.18 5.69
C LEU A 248 -6.64 -0.80 7.09
N GLU A 249 -7.96 -0.81 7.29
CA GLU A 249 -8.61 -0.63 8.62
C GLU A 249 -7.91 -1.55 9.62
N VAL A 250 -7.82 -2.84 9.30
CA VAL A 250 -7.27 -3.91 10.19
C VAL A 250 -5.77 -3.65 10.44
N VAL A 251 -5.03 -3.25 9.42
CA VAL A 251 -3.56 -3.00 9.53
C VAL A 251 -3.35 -1.76 10.41
N ILE A 252 -4.15 -0.71 10.22
CA ILE A 252 -4.08 0.56 11.01
C ILE A 252 -4.39 0.24 12.48
N GLN A 253 -5.44 -0.55 12.74
CA GLN A 253 -5.88 -0.94 14.10
C GLN A 253 -4.74 -1.66 14.83
N LEU A 254 -4.02 -2.56 14.16
CA LEU A 254 -2.89 -3.32 14.75
C LEU A 254 -1.70 -2.39 15.01
N GLN A 255 -1.56 -1.31 14.24
CA GLN A 255 -0.49 -0.29 14.44
C GLN A 255 -0.87 0.58 15.66
N GLU A 256 -2.16 0.87 15.82
CA GLU A 256 -2.70 1.59 17.00
C GLU A 256 -2.55 0.70 18.24
N LYS A 257 -2.86 -0.59 18.13
CA LYS A 257 -2.72 -1.58 19.23
C LYS A 257 -1.28 -1.59 19.72
N HIS A 258 -0.32 -1.70 18.81
CA HIS A 258 1.14 -1.81 19.13
C HIS A 258 1.63 -0.53 19.81
N VAL A 259 1.11 0.64 19.42
CA VAL A 259 1.44 1.95 20.06
C VAL A 259 1.05 1.88 21.54
N LYS A 260 -0.17 1.43 21.82
CA LYS A 260 -0.73 1.29 23.20
C LYS A 260 0.04 0.19 23.95
N ASP A 261 0.21 -0.99 23.35
CA ASP A 261 1.00 -2.12 23.91
C ASP A 261 2.39 -1.63 24.31
N GLU A 262 2.99 -0.75 23.50
CA GLU A 262 4.37 -0.20 23.70
C GLU A 262 4.38 0.69 24.95
N GLN A 263 3.42 1.62 25.03
CA GLN A 263 3.23 2.53 26.20
C GLN A 263 3.11 1.68 27.47
N ILE A 264 2.20 0.69 27.46
CA ILE A 264 1.90 -0.20 28.62
C ILE A 264 3.22 -0.81 29.14
N GLU A 265 3.98 -1.48 28.27
CA GLU A 265 5.23 -2.21 28.66
C GLU A 265 6.26 -1.24 29.25
N HIS A 266 6.27 0.02 28.79
CA HIS A 266 7.20 1.10 29.23
C HIS A 266 6.81 1.57 30.64
N TRP A 267 5.53 1.88 30.86
CA TRP A 267 4.99 2.32 32.18
C TRP A 267 5.04 1.15 33.18
N LYS A 268 4.87 -0.09 32.71
CA LYS A 268 4.89 -1.32 33.55
C LYS A 268 6.30 -1.58 34.09
N LYS A 269 7.35 -1.08 33.42
CA LYS A 269 8.76 -1.24 33.86
C LYS A 269 9.17 -0.01 34.67
N ILE A 270 8.36 1.04 34.68
CA ILE A 270 8.52 2.21 35.61
C ILE A 270 7.98 1.83 36.99
N VAL A 271 6.78 1.22 37.06
CA VAL A 271 6.17 0.77 38.36
C VAL A 271 7.07 -0.29 38.99
N LYS A 272 7.62 -1.21 38.19
CA LYS A 272 8.50 -2.30 38.69
C LYS A 272 9.76 -1.69 39.33
N THR A 273 10.24 -0.57 38.78
CA THR A 273 11.43 0.17 39.28
C THR A 273 11.05 1.01 40.51
N GLN A 274 9.84 1.60 40.51
CA GLN A 274 9.31 2.38 41.67
C GLN A 274 9.06 1.43 42.85
N GLU A 275 8.65 0.18 42.60
CA GLU A 275 8.36 -0.84 43.64
C GLU A 275 9.66 -1.49 44.12
N GLU A 276 10.74 -1.39 43.34
CA GLU A 276 12.12 -1.70 43.81
C GLU A 276 12.57 -0.60 44.79
N LEU A 277 12.29 0.66 44.43
CA LEU A 277 12.69 1.86 45.22
C LEU A 277 11.92 1.89 46.54
N LYS A 278 10.60 1.69 46.48
CA LYS A 278 9.69 1.62 47.67
C LYS A 278 10.23 0.58 48.67
N GLU A 279 10.54 -0.62 48.19
CA GLU A 279 11.08 -1.75 49.02
C GLU A 279 12.43 -1.35 49.62
N LEU A 280 13.23 -0.57 48.89
CA LEU A 280 14.58 -0.10 49.33
C LEU A 280 14.42 1.01 50.38
N LEU A 281 13.60 2.02 50.09
CA LEU A 281 13.38 3.19 51.00
C LEU A 281 12.85 2.69 52.35
N ASN A 282 11.95 1.70 52.36
CA ASN A 282 11.42 1.08 53.61
C ASN A 282 12.58 0.52 54.43
N LYS A 283 13.46 -0.27 53.81
CA LYS A 283 14.66 -0.86 54.46
C LYS A 283 15.54 0.25 55.04
N MET A 284 15.73 1.33 54.29
CA MET A 284 16.60 2.48 54.67
C MET A 284 15.98 3.28 55.82
N VAL A 285 14.64 3.40 55.86
CA VAL A 285 13.89 4.14 56.92
C VAL A 285 13.95 3.34 58.23
N ASN A 286 13.80 2.02 58.16
CA ASN A 286 13.89 1.09 59.32
C ASN A 286 15.33 1.06 59.85
N LEU A 287 16.32 1.05 58.95
CA LEU A 287 17.76 0.98 59.30
C LEU A 287 18.21 2.31 59.91
N LYS A 288 17.57 3.42 59.54
CA LYS A 288 17.87 4.77 60.10
C LYS A 288 17.41 4.81 61.56
N GLU A 289 16.25 4.21 61.87
CA GLU A 289 15.70 4.12 63.25
C GLU A 289 16.61 3.25 64.11
N LYS A 290 17.07 2.11 63.59
CA LYS A 290 17.95 1.16 64.31
C LYS A 290 19.35 1.79 64.50
N ILE A 291 19.75 2.69 63.59
CA ILE A 291 21.04 3.45 63.69
C ILE A 291 20.89 4.54 64.75
N LYS A 292 19.75 5.24 64.76
CA LYS A 292 19.42 6.35 65.70
C LYS A 292 19.37 5.81 67.14
N GLU A 293 18.68 4.69 67.34
CA GLU A 293 18.55 3.97 68.64
C GLU A 293 19.95 3.55 69.12
N LEU A 294 20.75 2.96 68.24
CA LEU A 294 22.08 2.36 68.57
C LEU A 294 23.10 3.46 68.87
N HIS A 295 22.93 4.66 68.31
CA HIS A 295 23.76 5.86 68.61
C HIS A 295 23.50 6.30 70.06
N GLN A 296 22.23 6.40 70.45
CA GLN A 296 21.80 6.75 71.83
C GLN A 296 22.47 5.79 72.81
N GLN A 297 22.35 4.47 72.56
CA GLN A 297 22.92 3.40 73.41
C GLN A 297 24.43 3.59 73.56
N TYR A 298 25.12 3.96 72.48
CA TYR A 298 26.59 4.18 72.43
C TYR A 298 26.97 5.42 73.25
N LYS A 299 26.21 6.51 73.12
CA LYS A 299 26.43 7.78 73.88
C LYS A 299 26.32 7.49 75.38
N GLU A 300 25.21 6.86 75.81
CA GLU A 300 24.97 6.45 77.21
C GLU A 300 26.15 5.62 77.73
N ALA A 301 26.62 4.66 76.93
CA ALA A 301 27.69 3.70 77.28
C ALA A 301 29.03 4.44 77.47
N SER A 302 29.34 5.41 76.61
CA SER A 302 30.65 6.12 76.59
C SER A 302 30.63 7.34 77.53
N GLU A 303 29.45 7.73 78.03
CA GLU A 303 29.27 8.86 78.99
C GLU A 303 29.45 8.32 80.43
N VAL A 304 29.51 6.99 80.60
CA VAL A 304 30.07 6.31 81.81
C VAL A 304 31.59 6.50 81.78
N LYS A 305 32.08 7.55 82.45
CA LYS A 305 33.50 8.01 82.38
C LYS A 305 34.42 6.94 82.98
N PRO A 306 35.66 6.81 82.46
CA PRO A 306 36.65 5.92 83.08
C PRO A 306 37.00 6.36 84.50
N PRO A 307 37.57 5.47 85.34
CA PRO A 307 37.96 4.12 84.92
C PRO A 307 36.76 3.16 84.92
N ARG A 308 36.73 2.26 83.92
CA ARG A 308 35.63 1.28 83.70
C ARG A 308 36.15 -0.13 83.95
N ASP A 309 35.31 -1.06 84.41
CA ASP A 309 35.58 -2.51 84.32
C ASP A 309 35.50 -2.89 82.85
N ILE A 310 35.89 -4.11 82.48
CA ILE A 310 36.10 -4.49 81.05
C ILE A 310 34.75 -4.71 80.34
N THR A 311 33.68 -5.02 81.08
CA THR A 311 32.32 -5.18 80.51
C THR A 311 31.79 -3.83 80.02
N ALA A 312 32.05 -2.76 80.77
CA ALA A 312 31.62 -1.38 80.45
C ALA A 312 32.45 -0.84 79.28
N GLU A 313 33.70 -1.30 79.16
CA GLU A 313 34.63 -0.97 78.04
C GLU A 313 34.15 -1.72 76.79
N PHE A 314 33.82 -3.01 76.93
CA PHE A 314 33.30 -3.89 75.85
C PHE A 314 31.99 -3.32 75.31
N LEU A 315 31.12 -2.79 76.19
CA LEU A 315 29.80 -2.23 75.80
C LEU A 315 30.02 -1.05 74.84
N VAL A 316 30.97 -0.16 75.16
CA VAL A 316 31.34 0.99 74.29
C VAL A 316 31.87 0.46 72.95
N LYS A 317 32.76 -0.54 72.99
CA LYS A 317 33.45 -1.11 71.80
C LYS A 317 32.44 -1.86 70.92
N SER A 318 31.64 -2.75 71.52
CA SER A 318 30.63 -3.58 70.81
C SER A 318 29.63 -2.66 70.09
N LYS A 319 29.11 -1.64 70.78
CA LYS A 319 28.12 -0.67 70.21
C LYS A 319 28.77 0.14 69.08
N HIS A 320 30.05 0.50 69.23
CA HIS A 320 30.85 1.22 68.21
C HIS A 320 30.91 0.38 66.93
N ARG A 321 31.35 -0.87 67.07
CA ARG A 321 31.46 -1.86 65.97
C ARG A 321 30.09 -2.04 65.29
N ASP A 322 29.04 -2.23 66.09
CA ASP A 322 27.65 -2.48 65.61
C ASP A 322 27.15 -1.27 64.83
N LEU A 323 27.52 -0.05 65.24
CA LEU A 323 27.01 1.21 64.65
C LEU A 323 27.75 1.51 63.33
N THR A 324 29.02 1.15 63.22
CA THR A 324 29.83 1.32 61.98
C THR A 324 29.35 0.33 60.92
N ALA A 325 29.02 -0.90 61.33
CA ALA A 325 28.45 -1.97 60.46
C ALA A 325 27.13 -1.48 59.84
N LEU A 326 26.19 -1.00 60.66
CA LEU A 326 24.86 -0.52 60.21
C LEU A 326 25.01 0.72 59.33
N CYS A 327 25.96 1.60 59.64
CA CYS A 327 26.25 2.83 58.85
C CYS A 327 26.83 2.46 57.49
N LYS A 328 27.58 1.35 57.41
CA LYS A 328 28.14 0.81 56.13
C LYS A 328 26.98 0.36 55.22
N GLU A 329 26.06 -0.44 55.77
CA GLU A 329 24.87 -0.97 55.06
C GLU A 329 24.06 0.19 54.46
N TYR A 330 23.69 1.17 55.28
CA TYR A 330 22.86 2.34 54.88
C TYR A 330 23.54 3.10 53.74
N ASP A 331 24.88 3.15 53.75
CA ASP A 331 25.69 3.82 52.69
C ASP A 331 25.67 2.96 51.42
N GLU A 332 25.74 1.63 51.55
CA GLU A 332 25.61 0.65 50.43
C GLU A 332 24.19 0.73 49.84
N LEU A 333 23.16 0.89 50.68
CA LEU A 333 21.73 0.97 50.26
C LEU A 333 21.45 2.33 49.60
N ALA A 334 22.15 3.40 50.01
CA ALA A 334 21.96 4.77 49.46
C ALA A 334 22.70 4.90 48.12
N GLU A 335 23.63 3.99 47.84
CA GLU A 335 24.28 3.83 46.51
C GLU A 335 23.26 3.21 45.56
N THR A 336 22.73 2.04 45.92
CA THR A 336 21.63 1.32 45.23
C THR A 336 20.46 2.28 44.97
N GLN A 337 20.15 3.17 45.92
CA GLN A 337 19.07 4.19 45.80
C GLN A 337 19.39 5.16 44.67
N GLY A 338 20.64 5.63 44.60
CA GLY A 338 21.11 6.65 43.65
C GLY A 338 21.01 6.18 42.21
N LYS A 339 21.29 4.90 41.94
CA LYS A 339 21.36 4.32 40.58
C LYS A 339 19.95 3.98 40.07
N LEU A 340 19.03 3.60 40.97
CA LEU A 340 17.59 3.36 40.63
C LEU A 340 16.90 4.69 40.31
N GLU A 341 17.40 5.80 40.85
CA GLU A 341 16.89 7.18 40.56
C GLU A 341 17.43 7.65 39.21
N GLU A 342 18.63 7.23 38.84
CA GLU A 342 19.25 7.48 37.51
C GLU A 342 18.47 6.70 36.45
N LYS A 343 18.20 5.42 36.70
CA LYS A 343 17.45 4.48 35.82
C LYS A 343 16.04 5.03 35.55
N LEU A 344 15.43 5.73 36.52
CA LEU A 344 14.02 6.19 36.48
C LEU A 344 13.92 7.57 35.80
N GLN A 345 14.86 8.48 36.10
CA GLN A 345 14.94 9.83 35.46
C GLN A 345 15.12 9.67 33.95
N GLU A 346 15.83 8.61 33.54
CA GLU A 346 16.09 8.23 32.11
C GLU A 346 14.77 7.79 31.47
N LEU A 347 14.12 6.76 32.04
CA LEU A 347 12.88 6.14 31.51
C LEU A 347 11.76 7.18 31.36
N GLU A 348 11.67 8.14 32.28
CA GLU A 348 10.60 9.18 32.31
C GLU A 348 10.71 10.11 31.09
N ALA A 349 11.90 10.25 30.50
CA ALA A 349 12.20 11.14 29.36
C ALA A 349 12.68 10.35 28.13
N ASN A 350 12.42 9.04 28.09
CA ASN A 350 12.61 8.16 26.90
C ASN A 350 11.35 7.34 26.64
N PRO A 351 10.17 7.99 26.53
CA PRO A 351 8.91 7.27 26.35
C PRO A 351 8.67 6.89 24.89
N PRO A 352 7.87 5.82 24.62
CA PRO A 352 7.46 5.51 23.24
C PRO A 352 6.41 6.52 22.73
N SER A 353 6.03 6.38 21.46
CA SER A 353 5.12 7.30 20.73
C SER A 353 3.80 7.47 21.51
N ASP A 354 3.33 8.71 21.60
CA ASP A 354 2.05 9.12 22.25
C ASP A 354 0.87 8.55 21.44
N VAL A 355 0.97 8.58 20.11
CA VAL A 355 -0.12 8.21 19.15
C VAL A 355 0.51 7.63 17.88
N TYR A 356 -0.25 6.79 17.15
CA TYR A 356 0.17 6.21 15.84
C TYR A 356 0.15 7.30 14.76
N LEU A 357 -1.00 7.96 14.59
CA LEU A 357 -1.21 9.07 13.62
C LEU A 357 -2.08 10.15 14.27
N SER A 358 -1.66 11.41 14.20
CA SER A 358 -2.42 12.60 14.67
C SER A 358 -3.62 12.81 13.74
N SER A 359 -4.48 13.78 14.05
CA SER A 359 -5.67 14.15 13.24
C SER A 359 -5.23 14.63 11.85
N ARG A 360 -4.21 15.49 11.79
CA ARG A 360 -3.63 16.03 10.52
C ARG A 360 -3.00 14.89 9.72
N ASP A 361 -2.31 13.97 10.39
CA ASP A 361 -1.60 12.83 9.75
C ASP A 361 -2.63 11.91 9.07
N ARG A 362 -3.76 11.64 9.73
CA ARG A 362 -4.86 10.79 9.21
C ARG A 362 -5.53 11.48 8.02
N GLN A 363 -5.61 12.82 8.04
CA GLN A 363 -6.18 13.64 6.93
C GLN A 363 -5.27 13.57 5.70
N ILE A 364 -3.96 13.69 5.89
CA ILE A 364 -2.95 13.65 4.80
C ILE A 364 -2.88 12.22 4.25
N LEU A 365 -2.99 11.21 5.13
CA LEU A 365 -3.02 9.78 4.73
C LEU A 365 -4.27 9.50 3.88
N ASP A 366 -5.38 10.18 4.19
CA ASP A 366 -6.67 10.04 3.47
C ASP A 366 -6.50 10.53 2.03
N TRP A 367 -5.61 11.50 1.79
CA TRP A 367 -5.27 12.01 0.43
C TRP A 367 -4.60 10.88 -0.36
N HIS A 368 -3.66 10.16 0.25
CA HIS A 368 -2.93 9.03 -0.37
C HIS A 368 -3.92 7.89 -0.68
N PHE A 369 -4.95 7.72 0.16
CA PHE A 369 -6.05 6.74 -0.06
C PHE A 369 -6.95 7.22 -1.20
N ALA A 370 -7.21 8.53 -1.26
CA ALA A 370 -8.00 9.18 -2.34
C ALA A 370 -7.30 8.97 -3.68
N ASN A 371 -5.97 9.10 -3.69
CA ASN A 371 -5.09 8.85 -4.86
C ASN A 371 -5.30 7.41 -5.33
N LEU A 372 -5.31 6.46 -4.40
CA LEU A 372 -5.51 5.01 -4.68
C LEU A 372 -6.95 4.77 -5.18
N GLU A 373 -7.92 5.54 -4.66
CA GLU A 373 -9.35 5.45 -5.07
C GLU A 373 -9.52 6.07 -6.46
N PHE A 374 -8.69 7.05 -6.81
CA PHE A 374 -8.63 7.67 -8.16
C PHE A 374 -8.08 6.63 -9.15
N ALA A 375 -6.95 6.00 -8.82
CA ALA A 375 -6.23 5.05 -9.69
C ALA A 375 -7.14 3.87 -10.06
N ASN A 376 -7.90 3.35 -9.09
CA ASN A 376 -8.80 2.18 -9.26
C ASN A 376 -10.22 2.65 -9.56
N ALA A 377 -10.45 3.97 -9.63
CA ALA A 377 -11.75 4.61 -9.91
C ALA A 377 -12.87 4.01 -9.06
N THR A 378 -12.60 3.67 -7.80
CA THR A 378 -13.60 3.06 -6.88
C THR A 378 -13.18 3.26 -5.42
N PRO A 379 -14.16 3.34 -4.48
CA PRO A 379 -13.87 3.22 -3.05
C PRO A 379 -13.09 1.94 -2.71
N LEU A 380 -12.14 2.04 -1.78
CA LEU A 380 -11.20 0.93 -1.43
C LEU A 380 -11.97 -0.22 -0.78
N SER A 381 -13.21 0.02 -0.34
CA SER A 381 -14.08 -1.01 0.28
C SER A 381 -14.61 -1.98 -0.77
N THR A 382 -14.52 -1.63 -2.06
CA THR A 382 -14.99 -2.45 -3.21
C THR A 382 -13.85 -3.31 -3.79
N LEU A 383 -12.59 -2.85 -3.68
CA LEU A 383 -11.41 -3.50 -4.31
C LEU A 383 -11.14 -4.86 -3.65
N SER A 384 -10.87 -5.89 -4.45
CA SER A 384 -10.35 -7.20 -4.01
C SER A 384 -8.96 -7.01 -3.39
N LEU A 385 -8.78 -7.38 -2.12
CA LEU A 385 -7.46 -7.34 -1.43
C LEU A 385 -6.44 -8.14 -2.25
N LYS A 386 -6.79 -9.37 -2.63
CA LYS A 386 -5.83 -10.33 -3.24
C LYS A 386 -5.44 -9.87 -4.65
N HIS A 387 -6.39 -9.40 -5.46
CA HIS A 387 -6.28 -9.31 -6.94
C HIS A 387 -6.39 -7.86 -7.46
N TRP A 388 -6.52 -6.84 -6.61
CA TRP A 388 -6.75 -5.45 -7.07
C TRP A 388 -5.60 -5.00 -7.99
N ASP A 389 -4.41 -5.56 -7.79
CA ASP A 389 -3.14 -5.14 -8.45
C ASP A 389 -2.62 -6.27 -9.33
N GLN A 390 -3.50 -7.18 -9.77
CA GLN A 390 -3.15 -8.45 -10.47
C GLN A 390 -2.39 -8.18 -11.78
N ASP A 391 -2.48 -6.98 -12.34
CA ASP A 391 -1.85 -6.61 -13.64
C ASP A 391 -0.49 -5.93 -13.45
N ASP A 392 0.10 -5.99 -12.24
CA ASP A 392 1.33 -5.25 -11.88
C ASP A 392 2.52 -5.66 -12.77
N ASP A 393 2.64 -6.96 -13.08
CA ASP A 393 3.81 -7.55 -13.78
C ASP A 393 3.88 -7.08 -15.24
N PHE A 394 2.84 -6.44 -15.78
CA PHE A 394 2.73 -6.08 -17.21
C PHE A 394 2.82 -4.56 -17.41
N GLU A 395 2.98 -3.81 -16.32
CA GLU A 395 3.11 -2.33 -16.38
C GLU A 395 4.27 -1.96 -17.32
N PHE A 396 4.09 -0.90 -18.10
CA PHE A 396 5.11 -0.40 -19.06
C PHE A 396 6.19 0.37 -18.29
N THR A 397 7.39 0.46 -18.87
CA THR A 397 8.54 1.23 -18.36
C THR A 397 8.59 2.58 -19.07
N GLY A 398 9.23 3.58 -18.46
CA GLY A 398 9.38 4.94 -19.01
C GLY A 398 8.46 5.93 -18.32
N SER A 399 8.69 7.23 -18.56
CA SER A 399 7.92 8.35 -17.96
C SER A 399 6.49 8.31 -18.50
N HIS A 400 5.50 8.52 -17.62
CA HIS A 400 4.09 8.77 -18.01
C HIS A 400 4.04 10.10 -18.77
N LEU A 401 3.25 10.17 -19.84
CA LEU A 401 3.12 11.35 -20.73
C LEU A 401 1.64 11.72 -20.86
N THR A 402 1.35 12.95 -21.30
CA THR A 402 -0.02 13.42 -21.63
C THR A 402 -0.07 13.78 -23.12
N VAL A 403 -1.29 13.88 -23.66
CA VAL A 403 -1.55 14.26 -25.08
C VAL A 403 -1.99 15.72 -25.06
N ARG A 404 -1.09 16.62 -25.48
CA ARG A 404 -1.25 18.10 -25.38
C ARG A 404 -2.32 18.57 -26.38
N ASN A 405 -2.39 17.94 -27.56
CA ASN A 405 -3.38 18.26 -28.63
C ASN A 405 -4.66 17.45 -28.41
N GLY A 406 -4.82 16.82 -27.23
CA GLY A 406 -6.04 16.07 -26.84
C GLY A 406 -6.00 14.65 -27.37
N TYR A 407 -6.47 13.68 -26.57
CA TYR A 407 -6.37 12.22 -26.85
C TYR A 407 -7.31 11.85 -28.02
N SER A 408 -8.38 12.61 -28.25
CA SER A 408 -9.39 12.37 -29.32
C SER A 408 -8.71 12.27 -30.69
N CYS A 409 -7.55 12.92 -30.87
CA CYS A 409 -6.77 12.87 -32.14
C CYS A 409 -6.51 11.40 -32.55
N VAL A 410 -6.49 10.47 -31.59
CA VAL A 410 -6.18 9.02 -31.81
C VAL A 410 -7.39 8.29 -32.42
N PRO A 411 -8.55 8.22 -31.74
CA PRO A 411 -9.73 7.59 -32.34
C PRO A 411 -10.09 8.23 -33.69
N VAL A 412 -10.15 9.56 -33.76
CA VAL A 412 -10.52 10.30 -35.00
C VAL A 412 -9.64 9.80 -36.15
N ALA A 413 -8.34 9.64 -35.90
CA ALA A 413 -7.36 9.10 -36.88
C ALA A 413 -7.73 7.66 -37.26
N LEU A 414 -8.08 6.83 -36.29
CA LEU A 414 -8.42 5.39 -36.48
C LEU A 414 -9.73 5.26 -37.28
N ALA A 415 -10.64 6.24 -37.14
CA ALA A 415 -11.99 6.26 -37.76
C ALA A 415 -11.93 6.53 -39.27
N GLU A 416 -10.79 6.99 -39.78
CA GLU A 416 -10.60 7.36 -41.21
C GLU A 416 -10.80 6.10 -42.07
N GLY A 417 -11.71 6.18 -43.05
CA GLY A 417 -11.94 5.13 -44.07
C GLY A 417 -12.79 3.98 -43.54
N LEU A 418 -13.55 4.20 -42.46
CA LEU A 418 -14.37 3.17 -41.79
C LEU A 418 -15.85 3.54 -41.90
N ASP A 419 -16.70 2.53 -42.10
CA ASP A 419 -18.18 2.68 -42.17
C ASP A 419 -18.71 2.80 -40.73
N ILE A 420 -18.98 4.02 -40.26
CA ILE A 420 -19.42 4.30 -38.86
C ILE A 420 -20.79 4.97 -38.90
N LYS A 421 -21.81 4.31 -38.34
CA LYS A 421 -23.16 4.88 -38.13
C LYS A 421 -23.22 5.52 -36.74
N LEU A 422 -23.10 6.86 -36.67
CA LEU A 422 -23.23 7.62 -35.40
C LEU A 422 -24.72 7.80 -35.08
N ASN A 423 -25.04 8.21 -33.85
CA ASN A 423 -26.44 8.45 -33.42
C ASN A 423 -27.28 7.18 -33.63
N THR A 424 -26.64 6.01 -33.49
CA THR A 424 -27.23 4.67 -33.74
C THR A 424 -27.04 3.81 -32.50
N ALA A 425 -28.07 3.73 -31.65
CA ALA A 425 -28.06 3.01 -30.35
C ALA A 425 -28.56 1.59 -30.56
N VAL A 426 -27.66 0.59 -30.45
CA VAL A 426 -28.03 -0.85 -30.45
C VAL A 426 -29.01 -1.09 -29.29
N ARG A 427 -30.11 -1.78 -29.57
CA ARG A 427 -31.19 -2.11 -28.59
C ARG A 427 -31.20 -3.62 -28.34
N GLN A 428 -30.98 -4.43 -29.38
CA GLN A 428 -31.08 -5.91 -29.30
C GLN A 428 -30.04 -6.55 -30.21
N VAL A 429 -29.41 -7.62 -29.72
CA VAL A 429 -28.41 -8.44 -30.48
C VAL A 429 -28.95 -9.87 -30.57
N ARG A 430 -29.27 -10.31 -31.79
CA ARG A 430 -29.78 -11.67 -32.10
C ARG A 430 -28.66 -12.47 -32.77
N TYR A 431 -28.39 -13.68 -32.30
CA TYR A 431 -27.33 -14.57 -32.80
C TYR A 431 -27.86 -16.00 -32.87
N THR A 432 -27.68 -16.64 -34.03
CA THR A 432 -28.17 -18.00 -34.35
C THR A 432 -27.10 -18.75 -35.15
N ALA A 433 -27.34 -20.03 -35.43
CA ALA A 433 -26.42 -20.93 -36.16
C ALA A 433 -26.13 -20.40 -37.57
N SER A 434 -27.07 -19.67 -38.17
CA SER A 434 -26.99 -19.18 -39.58
C SER A 434 -26.39 -17.76 -39.65
N GLY A 435 -26.43 -17.02 -38.54
CA GLY A 435 -25.86 -15.66 -38.44
C GLY A 435 -26.56 -14.82 -37.38
N CYS A 436 -26.39 -13.49 -37.46
CA CYS A 436 -26.85 -12.51 -36.44
C CYS A 436 -27.65 -11.40 -37.11
N GLU A 437 -28.58 -10.79 -36.36
CA GLU A 437 -29.12 -9.45 -36.69
C GLU A 437 -29.00 -8.55 -35.45
N VAL A 438 -28.47 -7.34 -35.66
CA VAL A 438 -28.36 -6.26 -34.63
C VAL A 438 -29.46 -5.24 -34.92
N ILE A 439 -30.31 -4.97 -33.92
CA ILE A 439 -31.46 -4.01 -34.01
C ILE A 439 -31.06 -2.74 -33.24
N ALA A 440 -30.88 -1.63 -33.96
CA ALA A 440 -30.53 -0.30 -33.41
C ALA A 440 -31.65 0.71 -33.73
N VAL A 441 -31.60 1.88 -33.09
CA VAL A 441 -32.53 3.02 -33.35
C VAL A 441 -31.71 4.30 -33.54
N ASN A 442 -32.31 5.31 -34.16
CA ASN A 442 -31.79 6.71 -34.19
C ASN A 442 -31.96 7.28 -32.78
N THR A 443 -30.89 7.81 -32.19
CA THR A 443 -30.88 8.40 -30.82
C THR A 443 -31.74 9.67 -30.81
N ARG A 444 -31.81 10.35 -31.96
CA ARG A 444 -32.51 11.65 -32.14
C ARG A 444 -34.03 11.40 -32.24
N SER A 445 -34.45 10.41 -33.04
CA SER A 445 -35.86 9.91 -33.12
C SER A 445 -35.88 8.39 -32.94
N THR A 446 -36.27 7.92 -31.74
CA THR A 446 -36.14 6.51 -31.28
C THR A 446 -37.03 5.56 -32.09
N SER A 447 -37.97 6.11 -32.88
CA SER A 447 -38.94 5.33 -33.71
C SER A 447 -38.24 4.79 -34.97
N GLN A 448 -37.35 5.58 -35.58
CA GLN A 448 -36.51 5.15 -36.74
C GLN A 448 -35.69 3.92 -36.34
N THR A 449 -36.11 2.74 -36.78
CA THR A 449 -35.51 1.42 -36.42
C THR A 449 -34.65 0.93 -37.58
N PHE A 450 -33.49 0.34 -37.25
CA PHE A 450 -32.50 -0.22 -38.23
C PHE A 450 -32.22 -1.68 -37.87
N ILE A 451 -32.02 -2.50 -38.90
CA ILE A 451 -31.70 -3.95 -38.78
C ILE A 451 -30.42 -4.19 -39.59
N TYR A 452 -29.36 -4.68 -38.94
CA TYR A 452 -28.08 -5.06 -39.59
C TYR A 452 -27.94 -6.58 -39.49
N LYS A 453 -27.85 -7.23 -40.65
CA LYS A 453 -27.63 -8.69 -40.77
C LYS A 453 -26.12 -8.91 -40.99
N CYS A 454 -25.51 -9.79 -40.21
CA CYS A 454 -24.04 -10.06 -40.24
C CYS A 454 -23.74 -11.52 -39.87
N ASP A 455 -22.56 -11.99 -40.26
CA ASP A 455 -22.00 -13.32 -39.90
C ASP A 455 -21.57 -13.32 -38.43
N ALA A 456 -21.12 -12.17 -37.92
CA ALA A 456 -20.54 -12.02 -36.56
C ALA A 456 -20.83 -10.63 -35.99
N VAL A 457 -21.07 -10.57 -34.67
CA VAL A 457 -21.17 -9.32 -33.86
C VAL A 457 -19.94 -9.24 -32.94
N LEU A 458 -19.21 -8.13 -32.99
CA LEU A 458 -18.18 -7.77 -31.98
C LEU A 458 -18.80 -6.75 -31.02
N CYS A 459 -19.05 -7.17 -29.77
CA CYS A 459 -19.59 -6.31 -28.68
C CYS A 459 -18.44 -5.62 -27.94
N THR A 460 -18.38 -4.28 -27.98
CA THR A 460 -17.40 -3.47 -27.20
C THR A 460 -18.16 -2.54 -26.24
N LEU A 461 -19.41 -2.89 -25.91
CA LEU A 461 -20.22 -2.18 -24.90
C LEU A 461 -19.44 -2.14 -23.59
N PRO A 462 -19.32 -0.97 -22.92
CA PRO A 462 -18.65 -0.90 -21.63
C PRO A 462 -19.31 -1.81 -20.60
N LEU A 463 -18.52 -2.28 -19.62
CA LEU A 463 -18.99 -3.20 -18.54
C LEU A 463 -20.16 -2.54 -17.80
N GLY A 464 -20.10 -1.22 -17.63
CA GLY A 464 -21.20 -0.40 -17.06
C GLY A 464 -22.51 -0.65 -17.77
N VAL A 465 -22.49 -0.68 -19.11
CA VAL A 465 -23.69 -0.90 -19.97
C VAL A 465 -24.14 -2.37 -19.82
N LEU A 466 -23.22 -3.32 -19.95
CA LEU A 466 -23.52 -4.77 -19.82
C LEU A 466 -24.16 -5.04 -18.45
N LYS A 467 -23.81 -4.25 -17.43
CA LYS A 467 -24.29 -4.40 -16.03
C LYS A 467 -25.71 -3.83 -15.87
N GLN A 468 -26.08 -2.84 -16.68
CA GLN A 468 -27.34 -2.06 -16.55
C GLN A 468 -28.52 -3.03 -16.35
N GLN A 469 -29.29 -2.83 -15.26
CA GLN A 469 -30.55 -3.56 -14.95
C GLN A 469 -31.63 -2.53 -14.63
N PRO A 470 -32.72 -2.42 -15.43
CA PRO A 470 -32.97 -3.34 -16.55
C PRO A 470 -32.08 -3.07 -17.76
N PRO A 471 -31.84 -4.08 -18.63
CA PRO A 471 -30.86 -3.97 -19.71
C PRO A 471 -31.16 -2.86 -20.73
N ALA A 472 -30.13 -2.09 -21.11
CA ALA A 472 -30.16 -1.14 -22.25
C ALA A 472 -30.08 -1.92 -23.57
N VAL A 473 -29.43 -3.09 -23.53
CA VAL A 473 -29.27 -3.99 -24.71
C VAL A 473 -29.71 -5.40 -24.31
N GLN A 474 -30.62 -5.98 -25.10
CA GLN A 474 -31.16 -7.35 -24.92
C GLN A 474 -30.41 -8.30 -25.86
N PHE A 475 -29.99 -9.45 -25.34
CA PHE A 475 -29.36 -10.54 -26.13
C PHE A 475 -30.40 -11.64 -26.33
N VAL A 476 -30.56 -12.09 -27.58
CA VAL A 476 -31.49 -13.20 -27.96
C VAL A 476 -30.69 -14.22 -28.77
N PRO A 477 -30.44 -15.43 -28.24
CA PRO A 477 -30.87 -15.80 -26.89
C PRO A 477 -30.04 -15.10 -25.81
N PRO A 478 -30.49 -15.11 -24.53
CA PRO A 478 -29.76 -14.44 -23.46
C PRO A 478 -28.36 -15.03 -23.30
N LEU A 479 -27.41 -14.20 -22.85
CA LEU A 479 -26.02 -14.61 -22.56
C LEU A 479 -26.06 -15.71 -21.49
N PRO A 480 -25.15 -16.72 -21.55
CA PRO A 480 -25.12 -17.78 -20.54
C PRO A 480 -24.82 -17.26 -19.13
N GLU A 481 -25.14 -18.06 -18.12
CA GLU A 481 -24.92 -17.75 -16.68
C GLU A 481 -23.42 -17.45 -16.46
N TRP A 482 -22.51 -18.16 -17.13
CA TRP A 482 -21.05 -17.99 -16.91
C TRP A 482 -20.61 -16.58 -17.34
N LYS A 483 -21.24 -16.01 -18.36
CA LYS A 483 -20.97 -14.63 -18.83
C LYS A 483 -21.63 -13.61 -17.88
N THR A 484 -22.91 -13.79 -17.55
CA THR A 484 -23.71 -12.80 -16.78
C THR A 484 -23.15 -12.70 -15.35
N SER A 485 -22.71 -13.83 -14.78
CA SER A 485 -22.11 -13.92 -13.42
C SER A 485 -20.81 -13.13 -13.38
N ALA A 486 -19.96 -13.28 -14.40
CA ALA A 486 -18.72 -12.48 -14.59
C ALA A 486 -19.08 -11.00 -14.59
N VAL A 487 -20.11 -10.62 -15.36
CA VAL A 487 -20.56 -9.20 -15.50
C VAL A 487 -20.96 -8.67 -14.11
N GLN A 488 -21.71 -9.45 -13.33
CA GLN A 488 -22.18 -9.07 -11.98
C GLN A 488 -20.98 -8.91 -11.03
N ARG A 489 -20.10 -9.92 -10.98
CA ARG A 489 -18.93 -9.98 -10.07
C ARG A 489 -18.01 -8.77 -10.28
N MET A 490 -17.65 -8.49 -11.54
CA MET A 490 -16.61 -7.50 -11.91
C MET A 490 -17.05 -6.10 -11.46
N GLY A 491 -16.09 -5.28 -11.04
CA GLY A 491 -16.32 -3.88 -10.64
C GLY A 491 -16.24 -2.96 -11.83
N PHE A 492 -17.17 -2.01 -11.92
CA PHE A 492 -17.09 -0.87 -12.87
C PHE A 492 -17.12 0.42 -12.06
N GLY A 493 -16.00 1.14 -12.13
CA GLY A 493 -15.71 2.29 -11.25
C GLY A 493 -16.26 3.58 -11.80
N ASN A 494 -16.02 4.68 -11.08
CA ASN A 494 -16.42 6.06 -11.42
C ASN A 494 -15.27 6.99 -11.02
N LEU A 495 -15.04 8.02 -11.83
CA LEU A 495 -13.99 9.05 -11.65
C LEU A 495 -14.36 10.23 -12.55
N ASN A 496 -14.49 11.44 -11.99
CA ASN A 496 -14.96 12.62 -12.77
C ASN A 496 -13.88 13.70 -12.77
N LYS A 497 -13.95 14.58 -13.76
CA LYS A 497 -12.97 15.66 -14.03
C LYS A 497 -13.72 16.99 -14.13
N VAL A 498 -13.18 18.04 -13.51
CA VAL A 498 -13.67 19.44 -13.59
C VAL A 498 -12.62 20.24 -14.38
N VAL A 499 -12.99 20.72 -15.58
CA VAL A 499 -12.09 21.50 -16.47
C VAL A 499 -12.31 22.99 -16.16
N LEU A 500 -11.24 23.67 -15.72
CA LEU A 500 -11.24 25.11 -15.36
C LEU A 500 -10.33 25.86 -16.34
N CYS A 501 -10.93 26.64 -17.25
CA CYS A 501 -10.26 27.46 -18.28
C CYS A 501 -10.19 28.92 -17.81
N PHE A 502 -8.99 29.49 -17.76
CA PHE A 502 -8.71 30.85 -17.25
C PHE A 502 -8.13 31.71 -18.37
N ASP A 503 -7.79 32.97 -18.06
CA ASP A 503 -7.18 33.95 -18.99
C ASP A 503 -5.68 34.10 -18.69
N ARG A 504 -5.22 33.70 -17.49
CA ARG A 504 -3.79 33.81 -17.08
C ARG A 504 -3.44 32.67 -16.12
N VAL A 505 -2.20 32.18 -16.25
CA VAL A 505 -1.56 31.15 -15.37
C VAL A 505 -1.25 31.80 -14.01
N PHE A 506 -1.96 31.38 -12.94
CA PHE A 506 -1.77 31.91 -11.56
C PHE A 506 -1.13 30.84 -10.65
N TRP A 507 -0.53 29.80 -11.23
CA TRP A 507 0.05 28.63 -10.51
C TRP A 507 1.48 28.40 -10.99
N ASP A 508 2.24 27.58 -10.25
CA ASP A 508 3.65 27.22 -10.58
C ASP A 508 3.65 26.46 -11.90
N PRO A 509 4.06 27.07 -13.04
CA PRO A 509 3.98 26.43 -14.35
C PRO A 509 4.92 25.24 -14.54
N SER A 510 5.86 25.03 -13.61
CA SER A 510 6.85 23.91 -13.63
C SER A 510 6.34 22.73 -12.80
N VAL A 511 5.17 22.88 -12.17
CA VAL A 511 4.46 21.81 -11.40
C VAL A 511 3.25 21.36 -12.22
N ASN A 512 3.23 20.08 -12.62
CA ASN A 512 2.19 19.50 -13.51
C ASN A 512 0.92 19.17 -12.71
N LEU A 513 1.07 18.82 -11.43
CA LEU A 513 -0.07 18.46 -10.55
C LEU A 513 0.25 18.78 -9.09
N PHE A 514 -0.77 19.24 -8.36
CA PHE A 514 -0.69 19.57 -6.91
C PHE A 514 -1.97 19.06 -6.22
N GLY A 515 -1.80 18.47 -5.04
CA GLY A 515 -2.90 17.87 -4.24
C GLY A 515 -3.62 18.89 -3.38
N HIS A 516 -4.81 18.52 -2.90
CA HIS A 516 -5.62 19.26 -1.89
C HIS A 516 -6.16 18.27 -0.86
N VAL A 517 -5.74 18.38 0.40
CA VAL A 517 -6.16 17.44 1.49
C VAL A 517 -7.57 17.82 1.93
N GLY A 518 -8.47 16.84 1.96
CA GLY A 518 -9.87 17.02 2.40
C GLY A 518 -9.95 17.14 3.91
N SER A 519 -10.98 17.84 4.41
CA SER A 519 -11.25 18.02 5.86
C SER A 519 -11.53 16.67 6.52
N THR A 520 -12.46 15.89 5.95
CA THR A 520 -12.93 14.58 6.49
C THR A 520 -12.50 13.43 5.57
N THR A 521 -12.55 12.20 6.09
CA THR A 521 -12.38 10.92 5.35
C THR A 521 -13.44 10.82 4.25
N ALA A 522 -14.70 11.08 4.61
CA ALA A 522 -15.90 10.99 3.73
C ALA A 522 -15.67 11.74 2.41
N SER A 523 -14.91 12.84 2.43
CA SER A 523 -14.73 13.76 1.27
C SER A 523 -13.26 13.80 0.81
N ARG A 524 -12.49 12.72 1.05
CA ARG A 524 -11.06 12.67 0.67
C ARG A 524 -10.91 12.73 -0.86
N GLY A 525 -11.90 12.22 -1.61
CA GLY A 525 -11.87 12.15 -3.08
C GLY A 525 -12.24 13.48 -3.74
N GLU A 526 -12.95 14.35 -3.01
CA GLU A 526 -13.59 15.59 -3.55
C GLU A 526 -12.52 16.61 -3.93
N LEU A 527 -12.26 16.77 -5.23
CA LEU A 527 -11.35 17.80 -5.81
C LEU A 527 -9.98 17.68 -5.13
N PHE A 528 -9.50 16.45 -4.97
CA PHE A 528 -8.31 16.07 -4.16
C PHE A 528 -7.02 16.30 -4.96
N LEU A 529 -7.10 16.47 -6.29
CA LEU A 529 -5.90 16.59 -7.17
C LEU A 529 -6.20 17.53 -8.34
N PHE A 530 -5.20 18.32 -8.76
CA PHE A 530 -5.29 19.33 -9.85
C PHE A 530 -4.18 19.09 -10.86
N TRP A 531 -4.51 19.05 -12.16
CA TRP A 531 -3.55 18.79 -13.27
C TRP A 531 -3.34 20.08 -14.07
N ASN A 532 -2.06 20.38 -14.36
CA ASN A 532 -1.60 21.46 -15.27
C ASN A 532 -0.70 20.83 -16.34
N LEU A 533 -1.28 20.48 -17.50
CA LEU A 533 -0.57 19.72 -18.57
C LEU A 533 -0.66 20.43 -19.93
N TYR A 534 -1.52 21.46 -20.05
CA TYR A 534 -1.97 22.01 -21.35
C TYR A 534 -1.31 23.37 -21.61
N LYS A 535 -1.18 23.73 -22.89
CA LYS A 535 -0.53 24.98 -23.38
C LYS A 535 -1.27 26.18 -22.79
N ALA A 536 -2.59 26.23 -23.01
CA ALA A 536 -3.52 27.28 -22.51
C ALA A 536 -3.56 27.23 -20.99
N PRO A 537 -4.11 28.28 -20.32
CA PRO A 537 -4.27 28.27 -18.87
C PRO A 537 -5.49 27.44 -18.43
N ILE A 538 -5.26 26.14 -18.18
CA ILE A 538 -6.32 25.17 -17.76
C ILE A 538 -5.82 24.40 -16.54
N LEU A 539 -6.62 24.38 -15.47
CA LEU A 539 -6.47 23.45 -14.32
C LEU A 539 -7.60 22.43 -14.39
N LEU A 540 -7.28 21.18 -14.06
CA LEU A 540 -8.18 20.01 -14.22
C LEU A 540 -8.24 19.26 -12.87
N ALA A 541 -9.40 19.28 -12.22
CA ALA A 541 -9.62 18.75 -10.85
C ALA A 541 -10.33 17.40 -10.91
N LEU A 542 -9.78 16.39 -10.22
CA LEU A 542 -10.37 15.03 -10.11
C LEU A 542 -11.42 14.99 -9.00
N VAL A 543 -12.48 14.22 -9.18
CA VAL A 543 -13.45 13.80 -8.12
C VAL A 543 -13.42 12.27 -8.04
N ALA A 544 -12.75 11.71 -7.03
CA ALA A 544 -12.46 10.26 -6.90
C ALA A 544 -13.24 9.68 -5.71
N GLY A 545 -13.10 8.37 -5.49
CA GLY A 545 -13.70 7.64 -4.36
C GLY A 545 -15.20 7.84 -4.28
N GLU A 546 -15.74 7.89 -3.06
CA GLU A 546 -17.19 8.00 -2.77
C GLU A 546 -17.72 9.35 -3.26
N ALA A 547 -16.85 10.35 -3.38
CA ALA A 547 -17.19 11.73 -3.80
C ALA A 547 -17.74 11.73 -5.24
N ALA A 548 -17.15 10.93 -6.14
CA ALA A 548 -17.49 10.85 -7.58
C ALA A 548 -19.00 10.66 -7.75
N GLY A 549 -19.54 9.59 -7.17
CA GLY A 549 -20.98 9.23 -7.25
C GLY A 549 -21.86 10.36 -6.74
N ILE A 550 -21.51 10.96 -5.61
CA ILE A 550 -22.32 11.99 -4.88
C ILE A 550 -22.25 13.32 -5.64
N MET A 551 -21.06 13.70 -6.13
CA MET A 551 -20.82 15.01 -6.78
C MET A 551 -21.51 15.09 -8.15
N GLU A 552 -22.05 13.97 -8.65
CA GLU A 552 -22.79 13.92 -9.95
C GLU A 552 -24.22 14.47 -9.76
N ASN A 553 -24.76 14.46 -8.53
CA ASN A 553 -26.10 14.99 -8.19
C ASN A 553 -26.00 16.47 -7.75
N ILE A 554 -24.88 17.14 -8.01
CA ILE A 554 -24.63 18.56 -7.63
C ILE A 554 -24.27 19.35 -8.89
N SER A 555 -24.81 20.56 -9.03
CA SER A 555 -24.72 21.42 -10.25
C SER A 555 -23.27 21.88 -10.48
N ASP A 556 -22.93 22.19 -11.73
CA ASP A 556 -21.58 22.64 -12.15
C ASP A 556 -21.18 23.87 -11.33
N ASP A 557 -22.10 24.84 -11.21
CA ASP A 557 -21.88 26.14 -10.52
C ASP A 557 -21.33 25.89 -9.11
N VAL A 558 -21.97 25.02 -8.34
CA VAL A 558 -21.54 24.64 -6.95
C VAL A 558 -20.15 23.99 -7.01
N ILE A 559 -19.94 23.06 -7.94
CA ILE A 559 -18.68 22.27 -8.08
C ILE A 559 -17.54 23.22 -8.45
N VAL A 560 -17.76 24.10 -9.41
CA VAL A 560 -16.78 25.17 -9.81
C VAL A 560 -16.56 26.06 -8.58
N GLY A 561 -17.63 26.38 -7.85
CA GLY A 561 -17.59 27.12 -6.57
C GLY A 561 -16.58 26.52 -5.61
N ARG A 562 -16.74 25.24 -5.27
CA ARG A 562 -15.89 24.50 -4.31
C ARG A 562 -14.44 24.47 -4.83
N CYS A 563 -14.25 24.42 -6.15
CA CYS A 563 -12.91 24.43 -6.81
C CYS A 563 -12.20 25.76 -6.56
N LEU A 564 -12.90 26.87 -6.85
CA LEU A 564 -12.37 28.25 -6.73
C LEU A 564 -11.96 28.49 -5.27
N ALA A 565 -12.87 28.22 -4.33
CA ALA A 565 -12.63 28.27 -2.86
C ALA A 565 -11.28 27.61 -2.55
N ILE A 566 -11.13 26.33 -2.93
CA ILE A 566 -9.92 25.49 -2.64
C ILE A 566 -8.68 26.18 -3.24
N LEU A 567 -8.79 26.70 -4.47
CA LEU A 567 -7.67 27.34 -5.19
C LEU A 567 -7.32 28.69 -4.53
N LYS A 568 -8.32 29.48 -4.16
CA LYS A 568 -8.16 30.77 -3.43
C LYS A 568 -7.30 30.55 -2.18
N GLY A 569 -7.68 29.58 -1.34
CA GLY A 569 -6.96 29.20 -0.12
C GLY A 569 -5.47 29.02 -0.36
N ILE A 570 -5.10 28.46 -1.52
CA ILE A 570 -3.69 28.06 -1.85
C ILE A 570 -2.96 29.22 -2.51
N PHE A 571 -3.64 30.04 -3.34
CA PHE A 571 -3.00 31.06 -4.21
C PHE A 571 -3.44 32.49 -3.82
N GLY A 572 -4.51 32.65 -3.04
CA GLY A 572 -5.03 33.96 -2.59
C GLY A 572 -6.07 34.52 -3.54
N SER A 573 -7.11 35.17 -3.00
CA SER A 573 -8.32 35.66 -3.73
C SER A 573 -7.93 36.55 -4.92
N SER A 574 -6.85 37.35 -4.79
CA SER A 574 -6.39 38.33 -5.80
C SER A 574 -5.90 37.64 -7.07
N ALA A 575 -5.43 36.39 -6.97
CA ALA A 575 -4.74 35.65 -8.06
C ALA A 575 -5.70 34.72 -8.83
N VAL A 576 -6.89 34.44 -8.28
CA VAL A 576 -7.87 33.45 -8.83
C VAL A 576 -9.04 34.19 -9.45
N PRO A 577 -9.05 34.41 -10.79
CA PRO A 577 -10.20 35.02 -11.46
C PRO A 577 -11.38 34.05 -11.61
N GLN A 578 -12.50 34.52 -12.16
CA GLN A 578 -13.61 33.64 -12.62
C GLN A 578 -13.13 32.89 -13.85
N PRO A 579 -13.47 31.58 -14.01
CA PRO A 579 -13.06 30.82 -15.18
C PRO A 579 -13.89 31.24 -16.42
N LYS A 580 -13.23 31.33 -17.59
CA LYS A 580 -13.86 31.71 -18.87
C LYS A 580 -14.78 30.58 -19.37
N GLU A 581 -14.33 29.33 -19.22
CA GLU A 581 -15.08 28.10 -19.61
C GLU A 581 -14.92 27.03 -18.53
N THR A 582 -16.00 26.31 -18.20
CA THR A 582 -16.01 25.18 -17.23
C THR A 582 -16.82 24.01 -17.80
N VAL A 583 -16.25 22.79 -17.72
CA VAL A 583 -16.93 21.49 -18.02
C VAL A 583 -16.79 20.58 -16.81
N VAL A 584 -17.86 19.85 -16.47
CA VAL A 584 -17.86 18.81 -15.39
C VAL A 584 -18.36 17.49 -15.98
N SER A 585 -17.47 16.49 -16.07
CA SER A 585 -17.79 15.09 -16.49
C SER A 585 -18.75 14.47 -15.47
N ARG A 586 -19.71 13.67 -15.94
CA ARG A 586 -20.66 12.89 -15.10
C ARG A 586 -20.79 11.49 -15.73
N TRP A 587 -19.78 10.65 -15.53
CA TRP A 587 -19.52 9.39 -16.28
C TRP A 587 -20.50 8.28 -15.85
N ARG A 588 -20.93 8.26 -14.59
CA ARG A 588 -21.83 7.20 -14.07
C ARG A 588 -23.22 7.40 -14.68
N ALA A 589 -23.61 8.66 -14.93
CA ALA A 589 -24.95 9.04 -15.46
C ALA A 589 -24.96 8.96 -16.98
N ASP A 590 -23.79 9.05 -17.62
CA ASP A 590 -23.61 8.86 -19.09
C ASP A 590 -24.16 7.48 -19.45
N PRO A 591 -25.25 7.40 -20.23
CA PRO A 591 -25.89 6.10 -20.51
C PRO A 591 -25.10 5.19 -21.45
N TRP A 592 -24.05 5.70 -22.12
CA TRP A 592 -23.17 4.95 -23.06
C TRP A 592 -21.85 4.58 -22.39
N ALA A 593 -21.77 4.72 -21.07
CA ALA A 593 -20.59 4.38 -20.24
C ALA A 593 -21.05 3.72 -18.94
N ARG A 594 -21.89 4.42 -18.17
CA ARG A 594 -22.44 3.97 -16.86
C ARG A 594 -21.29 3.79 -15.86
N GLY A 595 -20.25 4.63 -15.98
CA GLY A 595 -19.03 4.58 -15.16
C GLY A 595 -17.79 4.91 -15.98
N SER A 596 -16.61 4.85 -15.34
CA SER A 596 -15.32 5.34 -15.90
C SER A 596 -14.52 4.17 -16.48
N TYR A 597 -14.12 3.19 -15.64
CA TYR A 597 -13.40 1.98 -16.08
C TYR A 597 -13.47 0.88 -15.01
N SER A 598 -13.15 -0.34 -15.39
CA SER A 598 -13.27 -1.55 -14.54
C SER A 598 -12.22 -1.49 -13.42
N TYR A 599 -12.54 -2.15 -12.30
CA TYR A 599 -11.61 -2.49 -11.20
C TYR A 599 -11.86 -3.94 -10.80
N VAL A 600 -10.88 -4.58 -10.18
CA VAL A 600 -11.00 -5.98 -9.67
C VAL A 600 -11.75 -5.90 -8.34
N ALA A 601 -13.07 -6.12 -8.37
CA ALA A 601 -13.96 -6.03 -7.20
C ALA A 601 -13.65 -7.21 -6.27
N ALA A 602 -13.87 -7.02 -4.96
CA ALA A 602 -13.85 -8.10 -3.96
C ALA A 602 -14.84 -9.17 -4.42
N GLY A 603 -14.38 -10.42 -4.59
CA GLY A 603 -15.18 -11.54 -5.10
C GLY A 603 -14.87 -11.85 -6.56
N SER A 604 -14.17 -10.95 -7.25
CA SER A 604 -13.72 -11.11 -8.65
C SER A 604 -12.23 -11.47 -8.67
N SER A 605 -11.67 -11.62 -9.86
CA SER A 605 -10.23 -11.92 -10.11
C SER A 605 -9.91 -11.61 -11.57
N GLY A 606 -8.68 -11.88 -11.99
CA GLY A 606 -8.24 -11.75 -13.39
C GLY A 606 -8.99 -12.72 -14.30
N ASN A 607 -9.45 -13.85 -13.76
CA ASN A 607 -10.12 -14.92 -14.55
C ASN A 607 -11.43 -14.41 -15.16
N ASP A 608 -12.11 -13.46 -14.50
CA ASP A 608 -13.39 -12.89 -14.98
C ASP A 608 -13.15 -12.07 -16.26
N TYR A 609 -12.01 -11.40 -16.36
CA TYR A 609 -11.61 -10.63 -17.56
C TYR A 609 -11.49 -11.61 -18.74
N ASP A 610 -11.01 -12.83 -18.49
CA ASP A 610 -10.89 -13.90 -19.52
C ASP A 610 -12.28 -14.42 -19.88
N LEU A 611 -13.16 -14.59 -18.89
CA LEU A 611 -14.57 -14.99 -19.13
C LEU A 611 -15.24 -13.94 -20.02
N MET A 612 -15.03 -12.64 -19.75
CA MET A 612 -15.64 -11.54 -20.55
C MET A 612 -15.18 -11.63 -22.02
N ALA A 613 -13.95 -12.10 -22.25
CA ALA A 613 -13.31 -12.14 -23.59
C ALA A 613 -13.73 -13.38 -24.40
N GLN A 614 -14.31 -14.39 -23.75
N GLN A 614 -14.33 -14.38 -23.76
CA GLN A 614 -14.70 -15.66 -24.41
CA GLN A 614 -14.73 -15.68 -24.36
C GLN A 614 -15.92 -15.44 -25.29
C GLN A 614 -15.93 -15.44 -25.28
N PRO A 615 -15.87 -15.83 -26.58
CA PRO A 615 -17.00 -15.63 -27.49
C PRO A 615 -18.17 -16.60 -27.19
N ILE A 616 -19.38 -16.24 -27.61
CA ILE A 616 -20.61 -17.06 -27.44
C ILE A 616 -20.86 -17.83 -28.74
N THR A 617 -21.15 -19.13 -28.61
CA THR A 617 -21.56 -20.01 -29.73
C THR A 617 -23.04 -20.32 -29.55
N PRO A 618 -23.90 -19.97 -30.54
CA PRO A 618 -25.33 -20.27 -30.45
C PRO A 618 -25.56 -21.79 -30.55
N GLY A 619 -26.71 -22.27 -30.06
CA GLY A 619 -27.16 -23.66 -30.26
C GLY A 619 -27.50 -23.91 -31.73
N PRO A 620 -27.68 -25.18 -32.16
CA PRO A 620 -28.07 -25.48 -33.53
C PRO A 620 -29.52 -25.03 -33.82
N SER A 621 -29.80 -24.66 -35.07
CA SER A 621 -31.16 -24.27 -35.55
C SER A 621 -32.08 -25.49 -35.49
N ILE A 622 -31.78 -26.52 -36.28
CA ILE A 622 -32.46 -27.86 -36.26
C ILE A 622 -31.69 -28.73 -35.27
N PRO A 623 -32.37 -29.46 -34.35
CA PRO A 623 -31.68 -30.35 -33.42
C PRO A 623 -31.02 -31.53 -34.15
N GLY A 624 -29.86 -31.98 -33.64
CA GLY A 624 -29.02 -33.03 -34.25
C GLY A 624 -28.16 -32.49 -35.40
N ALA A 625 -28.07 -31.16 -35.53
CA ALA A 625 -27.22 -30.46 -36.51
C ALA A 625 -25.86 -30.17 -35.88
N PRO A 626 -24.77 -30.16 -36.66
CA PRO A 626 -23.42 -30.06 -36.09
C PRO A 626 -23.19 -28.73 -35.35
N GLN A 627 -22.35 -28.78 -34.31
CA GLN A 627 -21.87 -27.65 -33.48
C GLN A 627 -21.63 -26.41 -34.33
N PRO A 628 -22.43 -25.33 -34.18
CA PRO A 628 -22.19 -24.08 -34.92
C PRO A 628 -20.84 -23.42 -34.60
N ILE A 629 -20.43 -22.49 -35.45
CA ILE A 629 -19.27 -21.58 -35.26
C ILE A 629 -19.66 -20.52 -34.22
N PRO A 630 -18.68 -19.84 -33.56
CA PRO A 630 -19.00 -18.75 -32.65
C PRO A 630 -19.42 -17.49 -33.43
N ARG A 631 -20.39 -16.75 -32.88
CA ARG A 631 -21.10 -15.63 -33.58
C ARG A 631 -20.91 -14.31 -32.83
N LEU A 632 -20.89 -14.34 -31.49
CA LEU A 632 -20.90 -13.14 -30.63
C LEU A 632 -19.55 -13.05 -29.88
N PHE A 633 -18.77 -12.01 -30.20
CA PHE A 633 -17.39 -11.78 -29.70
C PHE A 633 -17.38 -10.53 -28.81
N PHE A 634 -16.36 -10.42 -27.95
CA PHE A 634 -16.27 -9.32 -26.95
C PHE A 634 -14.85 -8.75 -26.92
N ALA A 635 -14.77 -7.43 -27.06
CA ALA A 635 -13.54 -6.63 -26.86
C ALA A 635 -13.88 -5.50 -25.88
N GLY A 636 -12.86 -4.75 -25.50
CA GLY A 636 -12.99 -3.63 -24.55
C GLY A 636 -12.08 -3.81 -23.37
N GLU A 637 -11.80 -2.68 -22.73
CA GLU A 637 -10.99 -2.49 -21.50
C GLU A 637 -11.25 -3.62 -20.48
N HIS A 638 -12.52 -4.01 -20.29
CA HIS A 638 -12.98 -5.02 -19.30
C HIS A 638 -12.72 -6.47 -19.78
N THR A 639 -12.12 -6.66 -20.95
CA THR A 639 -11.92 -8.01 -21.56
C THR A 639 -10.43 -8.39 -21.60
N ILE A 640 -9.53 -7.53 -21.12
CA ILE A 640 -8.06 -7.77 -21.21
C ILE A 640 -7.44 -7.74 -19.81
N ARG A 641 -7.24 -8.94 -19.28
CA ARG A 641 -6.76 -9.27 -17.91
C ARG A 641 -5.45 -8.54 -17.59
N ASN A 642 -4.53 -8.42 -18.57
CA ASN A 642 -3.13 -7.95 -18.34
C ASN A 642 -3.01 -6.44 -18.50
N TYR A 643 -4.00 -5.75 -19.09
CA TYR A 643 -3.97 -4.28 -19.31
C TYR A 643 -5.38 -3.68 -19.15
N PRO A 644 -6.11 -4.03 -18.07
CA PRO A 644 -7.46 -3.50 -17.87
C PRO A 644 -7.47 -1.99 -17.62
N ALA A 645 -8.64 -1.37 -17.79
CA ALA A 645 -8.93 0.04 -17.46
C ALA A 645 -8.02 1.02 -18.22
N THR A 646 -7.48 0.64 -19.38
CA THR A 646 -6.52 1.48 -20.15
C THR A 646 -6.98 1.59 -21.61
N VAL A 647 -6.42 2.59 -22.33
CA VAL A 647 -6.61 2.77 -23.80
C VAL A 647 -5.84 1.66 -24.51
N HIS A 648 -4.57 1.46 -24.16
CA HIS A 648 -3.72 0.38 -24.74
C HIS A 648 -4.40 -0.97 -24.52
N GLY A 649 -5.10 -1.15 -23.39
CA GLY A 649 -5.90 -2.35 -23.11
C GLY A 649 -7.00 -2.52 -24.16
N ALA A 650 -7.80 -1.49 -24.37
CA ALA A 650 -8.90 -1.46 -25.37
C ALA A 650 -8.29 -1.78 -26.74
N LEU A 651 -7.29 -1.01 -27.16
CA LEU A 651 -6.51 -1.18 -28.42
C LEU A 651 -6.17 -2.67 -28.60
N LEU A 652 -5.47 -3.27 -27.63
CA LEU A 652 -4.97 -4.66 -27.73
C LEU A 652 -6.15 -5.64 -27.80
N SER A 653 -7.26 -5.36 -27.10
CA SER A 653 -8.46 -6.22 -27.04
C SER A 653 -9.12 -6.28 -28.43
N GLY A 654 -9.19 -5.13 -29.11
CA GLY A 654 -9.67 -5.02 -30.50
C GLY A 654 -8.84 -5.87 -31.44
N LEU A 655 -7.51 -5.71 -31.41
CA LEU A 655 -6.56 -6.44 -32.27
C LEU A 655 -6.74 -7.95 -32.07
N ARG A 656 -6.89 -8.38 -30.81
CA ARG A 656 -7.11 -9.80 -30.39
C ARG A 656 -8.34 -10.37 -31.11
N GLU A 657 -9.49 -9.69 -31.00
CA GLU A 657 -10.81 -10.15 -31.54
C GLU A 657 -10.78 -10.15 -33.07
N ALA A 658 -10.19 -9.14 -33.70
CA ALA A 658 -10.00 -9.07 -35.16
C ALA A 658 -9.30 -10.35 -35.64
N GLY A 659 -8.26 -10.79 -34.92
CA GLY A 659 -7.52 -12.02 -35.21
C GLY A 659 -8.37 -13.27 -34.99
N ARG A 660 -9.13 -13.31 -33.89
CA ARG A 660 -9.98 -14.47 -33.50
C ARG A 660 -11.11 -14.62 -34.52
N ILE A 661 -11.64 -13.49 -35.03
CA ILE A 661 -12.77 -13.44 -35.98
C ILE A 661 -12.27 -13.81 -37.39
N ALA A 662 -11.14 -13.24 -37.82
CA ALA A 662 -10.50 -13.54 -39.12
C ALA A 662 -10.14 -15.04 -39.17
N ASP A 663 -9.51 -15.55 -38.12
CA ASP A 663 -9.15 -17.00 -38.00
C ASP A 663 -10.41 -17.86 -38.23
N GLN A 664 -11.57 -17.41 -37.74
CA GLN A 664 -12.84 -18.16 -37.77
C GLN A 664 -13.46 -18.11 -39.17
N PHE A 665 -13.56 -16.92 -39.78
CA PHE A 665 -14.42 -16.64 -40.95
C PHE A 665 -13.62 -16.56 -42.26
N LEU A 666 -12.30 -16.38 -42.19
CA LEU A 666 -11.40 -16.40 -43.37
C LEU A 666 -10.47 -17.63 -43.31
N GLY A 667 -10.50 -18.37 -42.20
CA GLY A 667 -9.63 -19.53 -41.96
C GLY A 667 -8.23 -19.13 -41.54
N ALA A 668 -7.57 -19.94 -40.71
CA ALA A 668 -6.20 -19.74 -40.20
C ALA A 668 -5.18 -20.29 -41.21
N LYS B 9 8.71 -11.57 7.53
CA LYS B 9 8.40 -11.11 6.15
C LYS B 9 7.66 -9.75 6.14
N PRO B 10 6.98 -9.27 7.22
CA PRO B 10 6.24 -8.00 7.13
C PRO B 10 7.17 -6.80 6.94
N PRO B 11 6.64 -5.61 6.59
CA PRO B 11 7.47 -4.41 6.47
C PRO B 11 8.04 -4.00 7.83
N LYS B 12 9.20 -3.33 7.83
CA LYS B 12 9.87 -2.80 9.05
C LYS B 12 8.94 -1.77 9.70
N GLY B 13 8.75 -1.86 11.02
CA GLY B 13 7.93 -0.93 11.81
C GLY B 13 6.44 -1.21 11.74
N MET B 14 6.03 -2.25 11.01
CA MET B 14 4.64 -2.79 10.98
C MET B 14 4.63 -4.09 11.78
N PHE B 15 3.63 -4.27 12.66
CA PHE B 15 3.49 -5.47 13.52
C PHE B 15 2.16 -6.17 13.19
N LEU B 16 2.25 -7.41 12.68
CA LEU B 16 1.11 -8.20 12.12
C LEU B 16 1.32 -9.69 12.42
N SER B 17 0.73 -10.18 13.52
CA SER B 17 0.74 -11.62 13.90
C SER B 17 -0.64 -12.23 13.64
N GLN B 18 -0.68 -13.52 13.29
CA GLN B 18 -1.92 -14.30 13.03
C GLN B 18 -2.89 -14.10 14.22
N GLU B 19 -2.36 -14.19 15.45
CA GLU B 19 -3.12 -14.07 16.73
C GLU B 19 -3.83 -12.71 16.80
N ASP B 20 -3.08 -11.63 16.59
CA ASP B 20 -3.58 -10.22 16.70
C ASP B 20 -4.65 -9.96 15.65
N VAL B 21 -4.41 -10.41 14.41
CA VAL B 21 -5.34 -10.26 13.25
C VAL B 21 -6.68 -10.94 13.57
N GLU B 22 -6.62 -12.20 14.00
CA GLU B 22 -7.80 -13.03 14.36
C GLU B 22 -8.62 -12.34 15.45
N ALA B 23 -7.95 -11.71 16.42
CA ALA B 23 -8.55 -11.08 17.62
C ALA B 23 -9.32 -9.79 17.24
N VAL B 24 -8.93 -9.13 16.14
CA VAL B 24 -9.60 -7.91 15.61
C VAL B 24 -10.70 -8.32 14.62
N SER B 25 -10.50 -9.46 13.93
CA SER B 25 -11.42 -9.99 12.88
C SER B 25 -12.62 -10.71 13.51
N ALA B 26 -12.44 -11.34 14.67
CA ALA B 26 -13.36 -12.33 15.29
C ALA B 26 -14.74 -11.73 15.60
N ASN B 27 -14.89 -10.41 15.58
CA ASN B 27 -16.16 -9.71 15.96
C ASN B 27 -16.21 -8.34 15.28
N ALA B 28 -17.42 -7.78 15.13
CA ALA B 28 -17.71 -6.51 14.41
C ALA B 28 -17.18 -5.30 15.18
N THR B 29 -17.04 -5.41 16.51
CA THR B 29 -16.57 -4.33 17.42
C THR B 29 -15.39 -4.83 18.28
N ALA B 30 -14.79 -5.97 17.93
CA ALA B 30 -13.63 -6.58 18.65
C ALA B 30 -12.45 -5.61 18.63
N ALA B 31 -12.24 -4.92 17.51
CA ALA B 31 -11.17 -3.91 17.30
C ALA B 31 -11.28 -2.82 18.37
N THR B 32 -12.43 -2.14 18.43
CA THR B 32 -12.71 -0.98 19.32
C THR B 32 -12.67 -1.45 20.79
N THR B 33 -13.11 -2.69 21.06
CA THR B 33 -13.06 -3.34 22.40
C THR B 33 -11.60 -3.47 22.84
N VAL B 34 -10.80 -4.23 22.09
CA VAL B 34 -9.35 -4.52 22.39
C VAL B 34 -8.61 -3.20 22.66
N LEU B 35 -8.90 -2.14 21.90
CA LEU B 35 -8.23 -0.81 22.03
C LEU B 35 -8.70 -0.09 23.30
N ARG B 36 -9.95 -0.31 23.73
CA ARG B 36 -10.51 0.27 24.99
C ARG B 36 -9.85 -0.42 26.19
N GLN B 37 -9.72 -1.75 26.15
CA GLN B 37 -9.10 -2.58 27.23
C GLN B 37 -7.68 -2.07 27.52
N LEU B 38 -6.94 -1.71 26.49
CA LEU B 38 -5.54 -1.18 26.58
C LEU B 38 -5.56 0.26 27.13
N ASP B 39 -6.56 1.06 26.73
CA ASP B 39 -6.74 2.47 27.20
C ASP B 39 -7.03 2.46 28.70
N MET B 40 -7.89 1.55 29.17
CA MET B 40 -8.23 1.37 30.60
C MET B 40 -6.98 0.86 31.34
N GLU B 41 -6.32 -0.17 30.79
CA GLU B 41 -5.05 -0.76 31.33
C GLU B 41 -4.00 0.34 31.52
N LEU B 42 -3.92 1.29 30.59
CA LEU B 42 -2.89 2.38 30.60
C LEU B 42 -3.21 3.37 31.72
N VAL B 43 -4.48 3.77 31.86
CA VAL B 43 -4.97 4.68 32.94
C VAL B 43 -4.71 4.03 34.30
N SER B 44 -4.95 2.72 34.41
CA SER B 44 -4.77 1.89 35.63
C SER B 44 -3.30 1.84 36.05
N VAL B 45 -2.36 1.81 35.11
CA VAL B 45 -0.89 1.77 35.39
C VAL B 45 -0.41 3.20 35.73
N LYS B 46 -0.98 4.23 35.10
CA LYS B 46 -0.55 5.64 35.28
C LYS B 46 -1.00 6.15 36.66
N ARG B 47 -2.14 5.69 37.17
CA ARG B 47 -2.63 6.05 38.53
C ARG B 47 -1.76 5.35 39.59
N GLN B 48 -1.31 4.13 39.32
CA GLN B 48 -0.48 3.32 40.24
C GLN B 48 0.91 3.95 40.37
N ILE B 49 1.43 4.54 39.29
CA ILE B 49 2.74 5.26 39.28
C ILE B 49 2.62 6.47 40.21
N GLN B 50 1.60 7.31 40.01
CA GLN B 50 1.32 8.51 40.84
C GLN B 50 1.24 8.12 42.33
N ASN B 51 0.56 6.99 42.61
CA ASN B 51 0.36 6.45 43.97
C ASN B 51 1.72 6.12 44.61
N ILE B 52 2.50 5.24 43.96
CA ILE B 52 3.75 4.65 44.53
C ILE B 52 4.87 5.70 44.58
N LYS B 53 4.81 6.75 43.74
CA LYS B 53 5.85 7.81 43.72
C LYS B 53 5.44 8.95 44.68
N GLN B 54 4.20 8.93 45.19
CA GLN B 54 3.75 9.79 46.31
C GLN B 54 4.08 9.10 47.64
N THR B 55 3.93 7.77 47.68
CA THR B 55 4.41 6.88 48.78
C THR B 55 5.92 7.05 48.94
N ASN B 56 6.67 7.03 47.84
CA ASN B 56 8.16 7.10 47.83
C ASN B 56 8.63 8.52 48.19
N SER B 57 7.83 9.54 47.85
CA SER B 57 8.08 10.95 48.22
C SER B 57 8.06 11.11 49.75
N ALA B 58 7.14 10.41 50.41
CA ALA B 58 6.94 10.42 51.89
C ALA B 58 8.11 9.73 52.60
N LEU B 59 8.63 8.63 52.05
CA LEU B 59 9.77 7.88 52.63
C LEU B 59 11.07 8.68 52.46
N LYS B 60 11.27 9.29 51.29
CA LYS B 60 12.43 10.19 51.01
C LYS B 60 12.43 11.35 52.00
N GLU B 61 11.23 11.81 52.40
CA GLU B 61 11.02 12.89 53.40
C GLU B 61 11.48 12.41 54.78
N LYS B 62 11.12 11.17 55.17
CA LYS B 62 11.40 10.58 56.51
C LYS B 62 12.88 10.16 56.62
N LEU B 63 13.72 10.49 55.63
CA LEU B 63 15.20 10.30 55.68
C LEU B 63 15.91 11.66 55.55
N ASP B 64 15.24 12.76 55.86
CA ASP B 64 15.78 14.14 55.69
C ASP B 64 16.99 14.31 56.63
N GLY B 65 18.20 14.40 56.05
CA GLY B 65 19.46 14.60 56.78
C GLY B 65 20.40 13.41 56.70
N GLY B 66 19.90 12.27 56.21
CA GLY B 66 20.65 11.00 56.14
C GLY B 66 20.99 10.50 57.54
N ILE B 67 22.16 9.87 57.70
CA ILE B 67 22.65 9.31 58.99
C ILE B 67 23.93 10.05 59.41
N GLU B 68 24.10 11.31 58.98
CA GLU B 68 25.33 12.10 59.23
C GLU B 68 25.40 12.52 60.70
N PRO B 69 24.27 12.87 61.36
CA PRO B 69 24.28 13.12 62.80
C PRO B 69 24.70 11.93 63.68
N TYR B 70 24.63 10.70 63.15
CA TYR B 70 24.86 9.43 63.91
C TYR B 70 26.13 8.73 63.40
N ARG B 71 26.94 9.41 62.59
CA ARG B 71 28.19 8.86 62.00
C ARG B 71 29.32 8.96 63.04
N LEU B 72 30.13 7.91 63.17
CA LEU B 72 31.26 7.83 64.13
C LEU B 72 32.58 8.11 63.40
N PRO B 73 33.52 8.88 64.00
CA PRO B 73 34.82 9.12 63.39
C PRO B 73 35.62 7.83 63.11
N GLU B 74 36.53 7.91 62.13
CA GLU B 74 37.37 6.78 61.64
C GLU B 74 38.46 6.48 62.67
N VAL B 75 38.71 5.19 62.93
CA VAL B 75 39.72 4.68 63.90
C VAL B 75 41.01 4.39 63.13
N ILE B 76 42.15 4.93 63.60
CA ILE B 76 43.49 4.82 62.95
C ILE B 76 44.32 3.74 63.66
N GLN B 77 43.68 2.87 64.45
CA GLN B 77 44.31 1.85 65.35
C GLN B 77 45.15 0.88 64.51
N LYS B 78 46.42 0.70 64.89
CA LYS B 78 47.43 -0.13 64.18
C LYS B 78 47.58 -1.48 64.88
N CYS B 79 47.44 -2.58 64.13
CA CYS B 79 47.58 -3.99 64.60
C CYS B 79 48.82 -4.13 65.49
N ASN B 80 48.74 -4.98 66.52
CA ASN B 80 49.82 -5.21 67.53
C ASN B 80 49.98 -6.72 67.76
N ALA B 81 51.18 -7.14 68.17
CA ALA B 81 51.59 -8.55 68.36
C ALA B 81 51.10 -9.08 69.72
N ARG B 82 51.51 -8.43 70.81
CA ARG B 82 51.26 -8.87 72.21
C ARG B 82 49.80 -8.65 72.58
N TRP B 83 49.17 -9.66 73.20
CA TRP B 83 47.81 -9.60 73.81
C TRP B 83 47.91 -9.05 75.23
N THR B 84 47.36 -7.86 75.50
CA THR B 84 47.12 -7.35 76.89
C THR B 84 46.00 -8.20 77.51
N THR B 85 45.91 -8.20 78.84
CA THR B 85 44.81 -8.84 79.60
C THR B 85 43.49 -8.20 79.19
N GLU B 86 43.48 -6.88 79.00
CA GLU B 86 42.32 -6.09 78.49
C GLU B 86 41.81 -6.74 77.19
N GLU B 87 42.71 -6.89 76.21
CA GLU B 87 42.41 -7.42 74.86
C GLU B 87 41.89 -8.85 74.96
N GLN B 88 42.50 -9.67 75.81
CA GLN B 88 42.07 -11.08 76.07
C GLN B 88 40.61 -11.09 76.54
N LEU B 89 40.26 -10.17 77.46
CA LEU B 89 38.91 -10.10 78.09
C LEU B 89 37.90 -9.49 77.11
N LEU B 90 38.28 -8.46 76.35
CA LEU B 90 37.44 -7.91 75.25
C LEU B 90 37.10 -9.05 74.28
N ALA B 91 38.09 -9.87 73.92
CA ALA B 91 37.99 -11.00 72.98
C ALA B 91 36.97 -12.02 73.50
N VAL B 92 37.11 -12.46 74.75
CA VAL B 92 36.24 -13.52 75.37
C VAL B 92 34.78 -13.05 75.32
N GLN B 93 34.53 -11.76 75.57
CA GLN B 93 33.17 -11.15 75.58
C GLN B 93 32.68 -10.99 74.13
N ALA B 94 33.59 -10.71 73.19
CA ALA B 94 33.31 -10.60 71.74
C ALA B 94 32.88 -11.96 71.20
N ILE B 95 33.55 -13.04 71.62
CA ILE B 95 33.19 -14.46 71.30
C ILE B 95 31.78 -14.72 71.84
N ARG B 96 31.44 -14.16 73.00
CA ARG B 96 30.14 -14.39 73.69
C ARG B 96 28.98 -13.74 72.92
N LYS B 97 29.19 -12.53 72.38
CA LYS B 97 28.13 -11.74 71.68
C LYS B 97 28.10 -12.11 70.19
N TYR B 98 29.28 -12.14 69.55
CA TYR B 98 29.43 -12.19 68.06
C TYR B 98 29.72 -13.61 67.56
N GLY B 99 29.84 -14.59 68.47
CA GLY B 99 30.03 -16.01 68.12
C GLY B 99 31.34 -16.27 67.40
N ARG B 100 31.27 -16.75 66.15
CA ARG B 100 32.43 -17.20 65.35
C ARG B 100 32.84 -16.15 64.31
N ASP B 101 32.07 -15.07 64.15
CA ASP B 101 32.36 -13.95 63.22
C ASP B 101 33.66 -13.26 63.67
N PHE B 102 34.77 -13.57 63.00
CA PHE B 102 36.15 -13.16 63.39
C PHE B 102 36.39 -11.69 63.05
N GLN B 103 35.75 -11.18 61.98
CA GLN B 103 35.92 -9.79 61.49
C GLN B 103 35.36 -8.83 62.54
N ALA B 104 34.14 -9.09 63.02
CA ALA B 104 33.46 -8.29 64.07
C ALA B 104 34.32 -8.23 65.33
N ILE B 105 34.88 -9.38 65.75
CA ILE B 105 35.72 -9.52 66.97
C ILE B 105 36.97 -8.64 66.82
N SER B 106 37.66 -8.75 65.69
CA SER B 106 38.83 -7.90 65.32
C SER B 106 38.45 -6.42 65.42
N ASP B 107 37.30 -6.05 64.87
CA ASP B 107 36.79 -4.64 64.84
C ASP B 107 36.60 -4.14 66.29
N VAL B 108 36.02 -4.97 67.16
CA VAL B 108 35.74 -4.64 68.60
C VAL B 108 37.05 -4.33 69.32
N ILE B 109 38.01 -5.27 69.27
CA ILE B 109 39.32 -5.17 69.96
C ILE B 109 40.08 -3.96 69.42
N GLY B 110 40.23 -3.87 68.09
CA GLY B 110 40.73 -2.68 67.37
C GLY B 110 42.13 -2.87 66.83
N ASN B 111 43.01 -3.58 67.56
CA ASN B 111 44.44 -3.77 67.22
C ASN B 111 44.78 -5.27 67.16
N LYS B 112 43.89 -6.06 66.56
CA LYS B 112 44.14 -7.51 66.28
C LYS B 112 43.48 -7.87 64.94
N SER B 113 44.29 -8.37 64.00
CA SER B 113 43.85 -8.84 62.65
C SER B 113 43.02 -10.12 62.80
N VAL B 114 42.36 -10.54 61.71
CA VAL B 114 41.44 -11.71 61.67
C VAL B 114 42.26 -12.98 61.90
N VAL B 115 43.51 -13.00 61.42
CA VAL B 115 44.49 -14.12 61.57
C VAL B 115 44.76 -14.34 63.06
N GLN B 116 45.11 -13.26 63.78
CA GLN B 116 45.47 -13.27 65.22
C GLN B 116 44.27 -13.72 66.06
N VAL B 117 43.06 -13.29 65.69
CA VAL B 117 41.77 -13.71 66.33
C VAL B 117 41.59 -15.22 66.10
N LYS B 118 41.82 -15.69 64.87
CA LYS B 118 41.74 -17.12 64.47
C LYS B 118 42.76 -17.94 65.27
N ASN B 119 43.97 -17.40 65.45
CA ASN B 119 45.04 -17.98 66.31
C ASN B 119 44.54 -18.10 67.75
N PHE B 120 44.12 -16.97 68.33
CA PHE B 120 43.63 -16.81 69.73
C PHE B 120 42.65 -17.94 70.08
N PHE B 121 41.72 -18.25 69.16
CA PHE B 121 40.67 -19.29 69.32
C PHE B 121 41.29 -20.66 69.64
N VAL B 122 42.47 -20.95 69.09
CA VAL B 122 43.17 -22.26 69.24
C VAL B 122 44.05 -22.22 70.49
N ASN B 123 44.88 -21.18 70.64
CA ASN B 123 45.88 -21.02 71.73
C ASN B 123 45.17 -21.07 73.09
N TYR B 124 44.14 -20.24 73.27
CA TYR B 124 43.48 -19.96 74.58
C TYR B 124 42.23 -20.83 74.75
N ARG B 125 41.83 -21.58 73.72
CA ARG B 125 40.67 -22.53 73.75
C ARG B 125 40.60 -23.19 75.13
N ARG B 126 41.73 -23.72 75.61
CA ARG B 126 41.88 -24.41 76.92
C ARG B 126 41.55 -23.45 78.07
N ARG B 127 42.24 -22.30 78.13
CA ARG B 127 42.34 -21.43 79.34
C ARG B 127 41.10 -20.53 79.48
N PHE B 128 40.41 -20.20 78.38
CA PHE B 128 39.20 -19.34 78.35
C PHE B 128 37.96 -20.16 77.99
N ASN B 129 37.97 -21.48 78.24
CA ASN B 129 36.85 -22.42 77.98
C ASN B 129 36.02 -21.95 76.79
N ILE B 130 36.66 -21.72 75.64
CA ILE B 130 36.02 -21.08 74.44
C ILE B 130 34.89 -21.98 73.92
N ASP B 131 35.02 -23.31 74.08
CA ASP B 131 33.96 -24.29 73.71
C ASP B 131 32.67 -23.96 74.46
N GLU B 132 32.76 -23.76 75.79
CA GLU B 132 31.62 -23.39 76.66
C GLU B 132 31.05 -22.03 76.24
N VAL B 133 31.90 -21.07 75.89
CA VAL B 133 31.50 -19.68 75.51
C VAL B 133 30.70 -19.74 74.20
N LEU B 134 31.13 -20.55 73.24
CA LEU B 134 30.46 -20.71 71.91
C LEU B 134 29.10 -21.38 72.12
N GLN B 135 29.01 -22.42 72.96
CA GLN B 135 27.75 -23.12 73.33
C GLN B 135 26.76 -22.12 73.92
N GLU B 136 27.26 -21.13 74.67
CA GLU B 136 26.45 -20.08 75.35
C GLU B 136 25.87 -19.11 74.31
N TRP B 137 26.63 -18.82 73.25
CA TRP B 137 26.20 -17.95 72.12
C TRP B 137 25.16 -18.67 71.25
N GLU B 138 25.30 -19.99 71.09
CA GLU B 138 24.38 -20.85 70.28
C GLU B 138 23.01 -20.92 70.95
N ALA B 139 22.97 -21.05 72.28
CA ALA B 139 21.74 -21.20 73.10
C ALA B 139 20.82 -19.99 72.90
N GLU B 140 21.39 -18.78 72.81
CA GLU B 140 20.66 -17.54 72.44
C GLU B 140 20.09 -17.70 71.02
N PRO C 1 -6.37 0.95 -12.21
CA PRO C 1 -5.39 0.07 -11.54
C PRO C 1 -4.19 0.85 -10.97
N ARG C 2 -3.18 0.14 -10.47
CA ARG C 2 -1.99 0.71 -9.77
C ARG C 2 -1.28 1.72 -10.68
N SER C 3 -1.18 1.42 -11.98
CA SER C 3 -0.47 2.22 -13.03
C SER C 3 -0.83 3.71 -12.94
N PHE C 4 -2.07 4.03 -12.61
CA PHE C 4 -2.62 5.42 -12.65
C PHE C 4 -2.22 6.23 -11.42
N LEU C 5 -1.67 5.59 -10.38
CA LEU C 5 -1.26 6.25 -9.11
C LEU C 5 -0.30 7.41 -9.41
N VAL C 6 -0.58 8.59 -8.85
CA VAL C 6 0.31 9.78 -8.88
C VAL C 6 1.26 9.67 -7.68
N ARG C 7 2.39 10.38 -7.73
CA ARG C 7 3.41 10.44 -6.63
C ARG C 7 3.90 9.02 -6.30
N ARG C 8 4.14 8.20 -7.32
CA ARG C 8 4.64 6.81 -7.14
C ARG C 8 6.10 6.89 -6.69
N PRO C 9 6.57 5.98 -5.80
CA PRO C 9 7.96 6.00 -5.33
C PRO C 9 9.01 6.08 -6.46
#